data_5YZU
#
_entry.id   5YZU
#
_cell.length_a   120.004
_cell.length_b   88.395
_cell.length_c   77.613
_cell.angle_alpha   90.000
_cell.angle_beta   116.480
_cell.angle_gamma   90.000
#
_symmetry.space_group_name_H-M   'C 1 2 1'
#
loop_
_entity.id
_entity.type
_entity.pdbx_description
1 polymer '3-Oxoacyl-[acyl-carrier-(ACP)] synthase III C terminal family protein'
2 water water
#
_entity_poly.entity_id   1
_entity_poly.type   'polypeptide(L)'
_entity_poly.pdbx_seq_one_letter_code
;MGIRITGTGLFHPTEIISNEELADSLNAYVEQYNQENAEKIAAGELEELRGSSAEFIEKASGIKRRYVIEKSGILDPTRL
RPRLSERSNDELSIQAEWGVIAAKQAMENAGVTAEDIDVVILACSNMQRAYPAVAIEIQSALGIQGYAYDMNVACSAATF
GLKQAADAIRSGARRVLLVNVEITSGHLDYRNRDCHFIFGDVATASIIEETTTKTGFEILDIHLFTQFSNNIRNNFGFLN
RSEDAVVDDKLFRQDGRKVFKDVCPLVAKIINAQLEKMQLTANDIKRFWLHQANANMNELILKYVAGKDADLSRAPIILD
EFANTSSAGVIIALHRTGHEVDDGEYGVISSFGAGYSVGSIVVQKHVA
;
_entity_poly.pdbx_strand_id   A,B
#
# COMPACT_ATOMS: atom_id res chain seq x y z
N MET A 1 -21.46 5.30 -16.31
CA MET A 1 -22.03 6.62 -16.48
C MET A 1 -22.15 7.36 -15.15
N GLY A 2 -22.10 8.68 -15.20
CA GLY A 2 -22.39 9.49 -14.04
C GLY A 2 -21.28 9.69 -13.03
N ILE A 3 -20.04 9.37 -13.39
CA ILE A 3 -18.92 9.50 -12.47
C ILE A 3 -17.85 10.38 -13.11
N ARG A 4 -17.49 11.47 -12.44
CA ARG A 4 -16.69 12.54 -13.03
C ARG A 4 -15.56 12.98 -12.11
N ILE A 5 -14.38 13.18 -12.70
CA ILE A 5 -13.29 13.91 -12.06
C ILE A 5 -13.65 15.39 -12.12
N THR A 6 -13.98 15.97 -10.96
CA THR A 6 -14.50 17.33 -10.89
C THR A 6 -13.47 18.35 -10.43
N GLY A 7 -12.27 17.92 -10.04
CA GLY A 7 -11.26 18.87 -9.61
C GLY A 7 -9.92 18.19 -9.41
N THR A 8 -8.83 18.88 -9.69
CA THR A 8 -7.51 18.34 -9.40
C THR A 8 -6.69 19.39 -8.64
N GLY A 9 -5.65 18.91 -7.96
CA GLY A 9 -4.79 19.80 -7.20
C GLY A 9 -3.34 19.39 -7.38
N LEU A 10 -2.45 20.36 -7.14
CA LEU A 10 -1.04 20.19 -7.41
C LEU A 10 -0.21 20.90 -6.35
N PHE A 11 0.79 20.20 -5.84
CA PHE A 11 1.81 20.82 -5.01
C PHE A 11 3.16 20.30 -5.45
N HIS A 12 4.13 21.22 -5.48
CA HIS A 12 5.51 20.83 -5.70
C HIS A 12 6.34 21.67 -4.74
N PRO A 13 7.44 21.12 -4.25
CA PRO A 13 8.31 21.90 -3.37
C PRO A 13 8.96 23.03 -4.17
N THR A 14 9.57 23.96 -3.43
CA THR A 14 10.06 25.22 -4.01
C THR A 14 11.34 25.05 -4.79
N GLU A 15 12.27 24.24 -4.27
CA GLU A 15 13.60 24.23 -4.86
C GLU A 15 13.60 23.46 -6.17
N ILE A 16 14.42 23.94 -7.10
CA ILE A 16 14.54 23.42 -8.46
C ILE A 16 15.98 22.96 -8.71
N ILE A 17 16.13 21.81 -9.34
CA ILE A 17 17.44 21.31 -9.74
C ILE A 17 17.44 21.19 -11.25
N SER A 18 18.21 22.05 -11.93
CA SER A 18 18.33 21.97 -13.38
C SER A 18 19.20 20.77 -13.76
N ASN A 19 19.07 20.35 -15.02
CA ASN A 19 19.91 19.27 -15.54
C ASN A 19 21.38 19.53 -15.27
N GLU A 20 21.83 20.77 -15.48
CA GLU A 20 23.24 21.09 -15.36
C GLU A 20 23.73 20.94 -13.93
N GLU A 21 22.96 21.46 -12.96
CA GLU A 21 23.30 21.28 -11.55
C GLU A 21 23.39 19.81 -11.19
N LEU A 22 22.47 19.00 -11.73
CA LEU A 22 22.47 17.57 -11.44
C LEU A 22 23.66 16.88 -12.09
N ALA A 23 23.92 17.19 -13.35
CA ALA A 23 25.09 16.64 -14.03
C ALA A 23 26.38 17.10 -13.35
N ASP A 24 26.48 18.40 -13.04
CA ASP A 24 27.65 18.89 -12.32
C ASP A 24 27.85 18.12 -11.02
N SER A 25 26.75 17.83 -10.31
CA SER A 25 26.89 17.15 -9.04
C SER A 25 27.34 15.70 -9.24
N LEU A 26 26.77 14.99 -10.21
CA LEU A 26 27.16 13.59 -10.40
C LEU A 26 28.58 13.50 -10.96
N ASN A 27 28.94 14.42 -11.86
CA ASN A 27 30.30 14.46 -12.38
C ASN A 27 31.32 14.52 -11.24
N ALA A 28 31.07 15.37 -10.25
CA ALA A 28 31.96 15.45 -9.09
C ALA A 28 32.04 14.11 -8.36
N TYR A 29 30.89 13.48 -8.11
CA TYR A 29 30.90 12.18 -7.44
C TYR A 29 31.62 11.14 -8.29
N VAL A 30 31.40 11.17 -9.60
CA VAL A 30 32.04 10.19 -10.46
C VAL A 30 33.54 10.45 -10.55
N GLU A 31 33.94 11.73 -10.62
CA GLU A 31 35.35 12.10 -10.62
C GLU A 31 36.05 11.60 -9.35
N GLN A 32 35.52 11.97 -8.17
CA GLN A 32 36.14 11.57 -6.92
C GLN A 32 36.19 10.05 -6.79
N TYR A 33 35.12 9.36 -7.20
CA TYR A 33 35.11 7.92 -7.12
C TYR A 33 36.19 7.31 -8.00
N ASN A 34 36.33 7.82 -9.23
CA ASN A 34 37.30 7.29 -10.18
C ASN A 34 38.74 7.65 -9.82
N GLN A 35 38.95 8.71 -9.03
CA GLN A 35 40.27 8.94 -8.44
C GLN A 35 40.55 7.94 -7.32
N GLU A 36 39.76 8.02 -6.25
CA GLU A 36 39.91 7.14 -5.09
C GLU A 36 40.07 5.68 -5.48
N ASN A 37 39.50 5.28 -6.61
CA ASN A 37 39.52 3.89 -7.04
C ASN A 37 40.33 3.70 -8.32
N ALA A 38 41.30 4.59 -8.56
CA ALA A 38 42.07 4.55 -9.80
C ALA A 38 42.76 3.20 -9.98
N GLU A 39 43.52 2.76 -8.97
CA GLU A 39 44.16 1.46 -9.04
C GLU A 39 43.13 0.34 -9.21
N LYS A 40 41.96 0.49 -8.61
CA LYS A 40 40.89 -0.49 -8.82
C LYS A 40 40.32 -0.40 -10.24
N ILE A 41 40.43 0.76 -10.88
CA ILE A 41 40.07 0.86 -12.29
C ILE A 41 41.03 0.04 -13.15
N ALA A 42 42.32 0.41 -13.12
CA ALA A 42 43.33 -0.24 -13.94
C ALA A 42 43.40 -1.75 -13.74
N ALA A 43 42.75 -2.28 -12.70
CA ALA A 43 42.79 -3.71 -12.38
C ALA A 43 41.56 -4.47 -12.84
N GLY A 44 40.52 -3.79 -13.31
CA GLY A 44 39.32 -4.49 -13.71
C GLY A 44 38.55 -5.13 -12.57
N GLU A 45 38.91 -4.82 -11.32
CA GLU A 45 38.19 -5.34 -10.17
C GLU A 45 36.87 -4.62 -9.97
N LEU A 46 36.92 -3.30 -9.86
CA LEU A 46 35.75 -2.46 -9.73
C LEU A 46 35.48 -1.75 -11.05
N GLU A 47 34.20 -1.51 -11.33
CA GLU A 47 33.82 -0.88 -12.59
C GLU A 47 33.90 0.63 -12.47
N GLU A 48 34.49 1.26 -13.48
CA GLU A 48 34.58 2.71 -13.56
C GLU A 48 33.19 3.32 -13.79
N LEU A 49 33.02 4.55 -13.30
CA LEU A 49 31.75 5.26 -13.35
C LEU A 49 31.81 6.37 -14.39
N ARG A 50 30.73 6.53 -15.16
CA ARG A 50 30.69 7.49 -16.26
C ARG A 50 29.85 8.69 -15.86
N GLY A 51 30.35 9.89 -16.16
CA GLY A 51 29.63 11.11 -15.88
C GLY A 51 28.38 11.23 -16.74
N SER A 52 27.78 12.41 -16.67
CA SER A 52 26.58 12.71 -17.44
C SER A 52 26.62 14.19 -17.78
N SER A 53 25.63 14.66 -18.54
CA SER A 53 25.58 16.07 -18.95
C SER A 53 24.13 16.47 -19.19
N ALA A 54 23.90 17.79 -19.20
CA ALA A 54 22.54 18.29 -19.42
C ALA A 54 21.99 17.80 -20.76
N GLU A 55 22.79 17.85 -21.82
CA GLU A 55 22.29 17.41 -23.12
C GLU A 55 21.96 15.92 -23.10
N PHE A 56 22.85 15.10 -22.55
CA PHE A 56 22.57 13.66 -22.50
C PHE A 56 21.26 13.38 -21.77
N ILE A 57 20.96 14.15 -20.72
CA ILE A 57 19.73 13.93 -19.97
C ILE A 57 18.52 14.32 -20.81
N GLU A 58 18.55 15.54 -21.37
CA GLU A 58 17.41 16.03 -22.12
C GLU A 58 17.19 15.23 -23.41
N LYS A 59 18.27 14.92 -24.12
CA LYS A 59 18.12 14.12 -25.34
C LYS A 59 17.51 12.75 -25.02
N ALA A 60 17.84 12.19 -23.85
CA ALA A 60 17.38 10.87 -23.49
C ALA A 60 15.92 10.83 -23.07
N SER A 61 15.36 11.98 -22.65
CA SER A 61 14.08 11.99 -21.93
C SER A 61 13.19 13.19 -22.21
N GLY A 62 13.72 14.36 -22.54
CA GLY A 62 12.94 15.59 -22.57
C GLY A 62 12.90 16.34 -21.26
N ILE A 63 13.48 15.77 -20.20
CA ILE A 63 13.54 16.44 -18.91
C ILE A 63 14.55 17.59 -18.98
N LYS A 64 14.19 18.73 -18.38
CA LYS A 64 15.08 19.88 -18.26
C LYS A 64 15.42 20.24 -16.82
N ARG A 65 14.43 20.16 -15.93
CA ARG A 65 14.60 20.45 -14.52
C ARG A 65 13.66 19.52 -13.74
N ARG A 66 13.75 19.58 -12.41
CA ARG A 66 12.77 18.92 -11.54
C ARG A 66 12.69 19.71 -10.23
N TYR A 67 11.51 19.65 -9.60
CA TYR A 67 11.37 20.16 -8.24
C TYR A 67 11.82 19.08 -7.26
N VAL A 68 12.43 19.49 -6.15
CA VAL A 68 12.91 18.54 -5.16
C VAL A 68 12.62 19.06 -3.75
N ILE A 69 12.55 18.12 -2.81
CA ILE A 69 12.15 18.46 -1.44
C ILE A 69 13.25 19.24 -0.74
N GLU A 70 14.51 18.90 -1.01
CA GLU A 70 15.65 19.56 -0.40
C GLU A 70 16.82 19.43 -1.35
N LYS A 71 17.41 20.56 -1.74
CA LYS A 71 18.32 20.63 -2.88
C LYS A 71 19.77 20.36 -2.49
N SER A 72 20.21 20.92 -1.36
CA SER A 72 21.62 20.86 -0.96
C SER A 72 22.14 19.42 -0.92
N GLY A 73 21.46 18.56 -0.16
CA GLY A 73 21.98 17.21 0.04
C GLY A 73 22.03 16.42 -1.26
N ILE A 74 21.03 16.64 -2.13
CA ILE A 74 21.02 15.95 -3.42
C ILE A 74 22.24 16.34 -4.24
N LEU A 75 22.53 17.65 -4.32
CA LEU A 75 23.67 18.09 -5.12
C LEU A 75 25.00 17.83 -4.42
N ASP A 76 25.01 17.77 -3.08
CA ASP A 76 26.23 17.55 -2.32
C ASP A 76 26.83 16.20 -2.67
N PRO A 77 27.90 16.17 -3.48
CA PRO A 77 28.42 14.89 -3.98
C PRO A 77 28.93 13.96 -2.87
N THR A 78 29.02 14.42 -1.63
CA THR A 78 29.30 13.53 -0.51
C THR A 78 28.04 13.08 0.22
N ARG A 79 26.85 13.53 -0.21
CA ARG A 79 25.61 13.09 0.42
C ARG A 79 24.67 12.40 -0.57
N LEU A 80 24.24 13.08 -1.64
CA LEU A 80 23.41 12.48 -2.69
C LEU A 80 22.08 11.95 -2.16
N ARG A 81 21.45 12.73 -1.26
CA ARG A 81 20.09 12.51 -0.78
C ARG A 81 19.64 13.77 -0.04
N PRO A 82 18.34 14.07 0.00
CA PRO A 82 17.91 15.34 0.60
C PRO A 82 18.25 15.38 2.08
N ARG A 83 18.51 16.58 2.57
CA ARG A 83 18.75 16.82 3.99
C ARG A 83 17.40 17.05 4.67
N LEU A 84 16.87 16.01 5.31
CA LEU A 84 15.59 16.04 5.99
C LEU A 84 15.81 15.83 7.48
N SER A 85 14.82 16.24 8.28
CA SER A 85 14.79 16.02 9.72
C SER A 85 13.60 15.15 10.10
N GLU A 86 13.79 14.24 11.07
CA GLU A 86 12.67 13.52 11.66
C GLU A 86 11.68 14.50 12.27
N ARG A 87 10.39 14.22 12.09
CA ARG A 87 9.34 14.99 12.73
C ARG A 87 8.73 14.17 13.86
N SER A 88 8.23 14.85 14.87
CA SER A 88 7.56 14.16 15.95
C SER A 88 6.18 13.71 15.49
N ASN A 89 5.65 12.69 16.18
CA ASN A 89 4.34 12.14 15.81
C ASN A 89 3.25 13.19 15.87
N ASP A 90 3.48 14.28 16.60
CA ASP A 90 2.47 15.30 16.81
C ASP A 90 2.35 16.26 15.63
N GLU A 91 3.34 16.30 14.73
CA GLU A 91 3.20 17.11 13.53
C GLU A 91 2.90 16.22 12.32
N LEU A 92 2.37 16.85 11.27
CA LEU A 92 2.12 16.15 10.03
C LEU A 92 3.41 15.57 9.47
N SER A 93 3.33 14.33 9.00
CA SER A 93 4.44 13.79 8.25
C SER A 93 4.61 14.58 6.95
N ILE A 94 5.79 14.44 6.34
CA ILE A 94 6.04 15.11 5.08
C ILE A 94 5.00 14.70 4.05
N GLN A 95 4.78 13.39 3.92
CA GLN A 95 3.86 12.89 2.92
C GLN A 95 2.44 13.37 3.19
N ALA A 96 2.01 13.33 4.45
CA ALA A 96 0.68 13.83 4.78
C ALA A 96 0.56 15.33 4.49
N GLU A 97 1.61 16.10 4.80
CA GLU A 97 1.56 17.54 4.58
C GLU A 97 1.43 17.87 3.09
N TRP A 98 2.27 17.25 2.26
CA TRP A 98 2.16 17.46 0.81
C TRP A 98 0.78 17.05 0.31
N GLY A 99 0.32 15.86 0.73
CA GLY A 99 -1.00 15.40 0.31
C GLY A 99 -2.10 16.37 0.68
N VAL A 100 -2.07 16.89 1.91
CA VAL A 100 -3.10 17.82 2.37
C VAL A 100 -3.12 19.07 1.49
N ILE A 101 -1.93 19.58 1.10
CA ILE A 101 -1.88 20.83 0.33
C ILE A 101 -2.48 20.60 -1.04
N ALA A 102 -2.05 19.53 -1.73
CA ALA A 102 -2.66 19.19 -3.00
C ALA A 102 -4.16 18.95 -2.83
N ALA A 103 -4.56 18.27 -1.75
CA ALA A 103 -5.96 17.88 -1.62
C ALA A 103 -6.86 19.08 -1.38
N LYS A 104 -6.39 20.05 -0.57
CA LYS A 104 -7.18 21.26 -0.38
C LYS A 104 -7.41 21.99 -1.70
N GLN A 105 -6.42 22.00 -2.58
CA GLN A 105 -6.62 22.67 -3.87
C GLN A 105 -7.64 21.92 -4.74
N ALA A 106 -7.52 20.59 -4.83
CA ALA A 106 -8.51 19.80 -5.56
C ALA A 106 -9.93 20.07 -5.05
N MET A 107 -10.10 20.05 -3.72
CA MET A 107 -11.41 20.26 -3.11
C MET A 107 -11.96 21.64 -3.45
N GLU A 108 -11.13 22.68 -3.28
CA GLU A 108 -11.55 24.03 -3.62
C GLU A 108 -11.90 24.15 -5.10
N ASN A 109 -11.12 23.50 -5.98
CA ASN A 109 -11.45 23.53 -7.40
C ASN A 109 -12.76 22.82 -7.68
N ALA A 110 -13.00 21.70 -7.01
CA ALA A 110 -14.26 20.98 -7.22
C ALA A 110 -15.42 21.64 -6.49
N GLY A 111 -15.15 22.58 -5.61
CA GLY A 111 -16.21 23.16 -4.81
C GLY A 111 -16.79 22.23 -3.78
N VAL A 112 -15.95 21.41 -3.14
CA VAL A 112 -16.43 20.53 -2.10
C VAL A 112 -15.68 20.86 -0.81
N THR A 113 -16.24 20.42 0.29
CA THR A 113 -15.64 20.57 1.61
C THR A 113 -15.49 19.18 2.23
N ALA A 114 -14.88 19.15 3.40
CA ALA A 114 -14.55 17.89 4.04
C ALA A 114 -15.79 17.03 4.24
N GLU A 115 -16.89 17.63 4.71
CA GLU A 115 -18.11 16.87 4.98
C GLU A 115 -18.70 16.28 3.71
N ASP A 116 -18.24 16.69 2.53
CA ASP A 116 -18.70 16.15 1.27
C ASP A 116 -17.99 14.87 0.84
N ILE A 117 -16.87 14.51 1.47
CA ILE A 117 -16.02 13.41 1.01
C ILE A 117 -16.28 12.17 1.86
N ASP A 118 -16.32 10.98 1.22
CA ASP A 118 -16.52 9.74 1.95
C ASP A 118 -15.31 8.82 2.00
N VAL A 119 -14.40 8.92 1.04
CA VAL A 119 -13.27 8.01 0.89
C VAL A 119 -12.02 8.82 0.58
N VAL A 120 -10.91 8.47 1.21
CA VAL A 120 -9.61 9.07 0.92
C VAL A 120 -8.65 7.96 0.52
N ILE A 121 -8.13 8.03 -0.69
CA ILE A 121 -7.19 7.02 -1.17
C ILE A 121 -5.86 7.69 -1.38
N LEU A 122 -4.84 7.20 -0.70
CA LEU A 122 -3.48 7.62 -0.98
C LEU A 122 -2.91 6.56 -1.91
N ALA A 123 -2.74 6.93 -3.18
CA ALA A 123 -2.27 6.02 -4.23
C ALA A 123 -0.96 6.57 -4.77
N CYS A 124 0.16 5.91 -4.45
CA CYS A 124 1.45 6.37 -4.95
C CYS A 124 2.48 5.23 -4.85
N SER A 125 3.72 5.55 -5.21
CA SER A 125 4.72 4.51 -5.40
C SER A 125 5.51 4.18 -4.12
N ASN A 126 5.41 4.99 -3.05
CA ASN A 126 6.16 4.70 -1.83
C ASN A 126 5.48 5.43 -0.68
N MET A 127 5.06 4.67 0.34
CA MET A 127 4.49 5.24 1.56
C MET A 127 5.59 5.49 2.58
N GLN A 128 5.45 6.62 3.30
CA GLN A 128 6.45 7.01 4.28
C GLN A 128 6.53 6.04 5.47
N ARG A 129 5.41 5.46 5.89
CA ARG A 129 5.44 4.45 6.95
C ARG A 129 4.32 3.48 6.68
N ALA A 130 4.29 2.38 7.46
CA ALA A 130 3.31 1.33 7.22
C ALA A 130 1.97 1.60 7.93
N TYR A 131 2.03 2.03 9.19
CA TYR A 131 0.82 2.28 9.96
C TYR A 131 1.16 3.34 11.00
N PRO A 132 0.20 4.21 11.35
CA PRO A 132 -1.14 4.33 10.76
C PRO A 132 -1.02 4.77 9.31
N ALA A 133 -1.97 4.37 8.45
CA ALA A 133 -1.85 4.72 7.05
C ALA A 133 -1.74 6.24 6.88
N VAL A 134 -0.86 6.66 5.97
CA VAL A 134 -0.70 8.08 5.71
C VAL A 134 -1.99 8.65 5.10
N ALA A 135 -2.79 7.80 4.43
CA ALA A 135 -4.08 8.25 3.91
C ALA A 135 -5.02 8.66 5.03
N ILE A 136 -5.00 7.93 6.14
CA ILE A 136 -5.83 8.28 7.29
C ILE A 136 -5.28 9.53 7.96
N GLU A 137 -3.96 9.67 7.99
CA GLU A 137 -3.38 10.94 8.45
C GLU A 137 -3.89 12.10 7.60
N ILE A 138 -3.89 11.95 6.27
CA ILE A 138 -4.38 13.02 5.40
C ILE A 138 -5.86 13.26 5.67
N GLN A 139 -6.62 12.16 5.80
CA GLN A 139 -8.06 12.21 5.99
C GLN A 139 -8.43 13.02 7.22
N SER A 140 -7.77 12.73 8.34
CA SER A 140 -8.14 13.43 9.57
C SER A 140 -7.58 14.86 9.61
N ALA A 141 -6.40 15.11 9.04
CA ALA A 141 -5.95 16.49 8.94
C ALA A 141 -6.97 17.35 8.21
N LEU A 142 -7.60 16.79 7.18
CA LEU A 142 -8.60 17.56 6.43
C LEU A 142 -9.95 17.60 7.12
N GLY A 143 -10.14 16.82 8.19
CA GLY A 143 -11.43 16.72 8.84
C GLY A 143 -12.45 15.87 8.13
N ILE A 144 -12.02 14.95 7.26
CA ILE A 144 -12.95 14.14 6.50
C ILE A 144 -13.36 12.91 7.31
N GLN A 145 -14.65 12.56 7.24
CA GLN A 145 -15.14 11.35 7.90
C GLN A 145 -15.57 10.34 6.86
N GLY A 146 -15.07 9.12 7.03
CA GLY A 146 -15.36 8.00 6.17
C GLY A 146 -14.28 6.97 6.44
N TYR A 147 -13.63 6.49 5.39
CA TYR A 147 -12.49 5.61 5.58
C TYR A 147 -11.42 5.98 4.58
N ALA A 148 -10.20 5.51 4.84
CA ALA A 148 -9.03 5.84 4.06
C ALA A 148 -8.10 4.64 4.04
N TYR A 149 -7.27 4.53 3.00
CA TYR A 149 -6.27 3.46 2.94
C TYR A 149 -5.15 3.81 1.98
N ASP A 150 -3.99 3.23 2.24
CA ASP A 150 -2.85 3.36 1.34
C ASP A 150 -2.85 2.23 0.30
N MET A 151 -2.40 2.57 -0.92
CA MET A 151 -2.45 1.66 -2.07
C MET A 151 -1.26 1.94 -2.98
N ASN A 152 -0.59 0.89 -3.43
CA ASN A 152 0.68 1.05 -4.14
C ASN A 152 0.67 0.20 -5.40
N VAL A 153 0.64 0.85 -6.56
CA VAL A 153 0.93 0.22 -7.85
C VAL A 153 1.96 1.06 -8.60
N ALA A 154 2.87 1.70 -7.88
CA ALA A 154 4.01 2.40 -8.48
C ALA A 154 3.48 3.38 -9.54
N CYS A 155 4.02 3.37 -10.76
CA CYS A 155 3.73 4.40 -11.76
C CYS A 155 2.26 4.46 -12.14
N SER A 156 1.53 3.37 -11.97
CA SER A 156 0.14 3.33 -12.40
C SER A 156 -0.82 3.61 -11.28
N ALA A 157 -0.32 4.01 -10.10
CA ALA A 157 -1.18 4.06 -8.91
C ALA A 157 -2.32 5.03 -9.09
N ALA A 158 -2.14 6.10 -9.89
CA ALA A 158 -3.22 7.05 -10.00
C ALA A 158 -4.36 6.52 -10.86
N THR A 159 -4.04 5.75 -11.91
CA THR A 159 -5.15 5.26 -12.72
C THR A 159 -5.84 4.10 -12.03
N PHE A 160 -5.09 3.26 -11.29
CA PHE A 160 -5.73 2.24 -10.47
C PHE A 160 -6.58 2.89 -9.39
N GLY A 161 -6.09 4.02 -8.86
CA GLY A 161 -6.80 4.67 -7.79
C GLY A 161 -8.10 5.29 -8.27
N LEU A 162 -8.10 5.81 -9.50
CA LEU A 162 -9.33 6.31 -10.09
C LEU A 162 -10.34 5.18 -10.29
N LYS A 163 -9.89 4.01 -10.74
CA LYS A 163 -10.82 2.89 -10.85
C LYS A 163 -11.40 2.53 -9.49
N GLN A 164 -10.54 2.43 -8.48
CA GLN A 164 -11.04 2.12 -7.14
C GLN A 164 -11.93 3.23 -6.62
N ALA A 165 -11.64 4.48 -6.96
CA ALA A 165 -12.54 5.57 -6.63
C ALA A 165 -13.89 5.37 -7.30
N ALA A 166 -13.89 5.13 -8.62
CA ALA A 166 -15.14 4.88 -9.33
C ALA A 166 -15.86 3.66 -8.77
N ASP A 167 -15.11 2.60 -8.43
CA ASP A 167 -15.75 1.40 -7.90
C ASP A 167 -16.48 1.70 -6.59
N ALA A 168 -15.84 2.45 -5.70
CA ALA A 168 -16.47 2.81 -4.43
C ALA A 168 -17.67 3.72 -4.65
N ILE A 169 -17.65 4.55 -5.69
CA ILE A 169 -18.81 5.38 -5.95
C ILE A 169 -19.97 4.52 -6.43
N ARG A 170 -19.71 3.56 -7.33
CA ARG A 170 -20.75 2.62 -7.76
C ARG A 170 -21.41 1.93 -6.57
N SER A 171 -20.64 1.64 -5.52
CA SER A 171 -21.13 0.95 -4.34
C SER A 171 -21.76 1.89 -3.31
N GLY A 172 -21.80 3.20 -3.53
CA GLY A 172 -22.44 4.04 -2.53
C GLY A 172 -21.66 5.26 -2.03
N ALA A 173 -20.35 5.28 -2.21
CA ALA A 173 -19.61 6.50 -1.89
C ALA A 173 -20.13 7.66 -2.73
N ARG A 174 -20.27 8.83 -2.10
CA ARG A 174 -20.69 10.01 -2.85
C ARG A 174 -19.51 10.61 -3.60
N ARG A 175 -18.36 10.71 -2.94
CA ARG A 175 -17.23 11.48 -3.45
C ARG A 175 -15.95 10.89 -2.89
N VAL A 176 -14.93 10.82 -3.72
CA VAL A 176 -13.66 10.23 -3.31
C VAL A 176 -12.55 11.25 -3.55
N LEU A 177 -11.65 11.36 -2.58
CA LEU A 177 -10.44 12.15 -2.70
C LEU A 177 -9.28 11.20 -3.00
N LEU A 178 -8.68 11.34 -4.18
CA LEU A 178 -7.56 10.51 -4.58
C LEU A 178 -6.29 11.35 -4.52
N VAL A 179 -5.27 10.88 -3.78
CA VAL A 179 -4.06 11.63 -3.49
C VAL A 179 -2.83 10.83 -3.89
N ASN A 180 -1.89 11.47 -4.59
CA ASN A 180 -0.64 10.84 -5.00
C ASN A 180 0.50 11.74 -4.53
N VAL A 181 1.36 11.22 -3.67
CA VAL A 181 2.44 11.98 -3.08
C VAL A 181 3.73 11.23 -3.39
N GLU A 182 4.58 11.82 -4.22
CA GLU A 182 5.77 11.15 -4.72
C GLU A 182 6.99 11.95 -4.27
N ILE A 183 7.68 11.46 -3.24
CA ILE A 183 8.96 12.06 -2.88
C ILE A 183 10.05 11.14 -3.44
N THR A 184 10.23 11.20 -4.75
CA THR A 184 11.10 10.25 -5.43
C THR A 184 12.57 10.44 -5.02
N SER A 185 12.98 11.66 -4.68
CA SER A 185 14.33 11.88 -4.20
C SER A 185 14.69 11.06 -2.97
N GLY A 186 13.69 10.47 -2.28
CA GLY A 186 13.99 9.59 -1.16
C GLY A 186 14.37 8.17 -1.55
N HIS A 187 14.12 7.75 -2.79
CA HIS A 187 14.52 6.41 -3.18
C HIS A 187 15.22 6.35 -4.52
N LEU A 188 15.53 7.49 -5.12
CA LEU A 188 16.37 7.55 -6.30
C LEU A 188 17.83 7.37 -5.93
N ASP A 189 18.59 6.71 -6.81
CA ASP A 189 20.03 6.58 -6.65
C ASP A 189 20.72 7.68 -7.45
N TYR A 190 21.25 8.68 -6.75
CA TYR A 190 21.88 9.78 -7.47
C TYR A 190 23.30 9.48 -7.93
N ARG A 191 23.83 8.29 -7.59
CA ARG A 191 25.14 7.88 -8.07
C ARG A 191 25.10 7.37 -9.52
N ASN A 192 23.94 6.98 -10.02
CA ASN A 192 23.86 6.27 -11.29
C ASN A 192 23.43 7.23 -12.40
N ARG A 193 24.34 7.48 -13.33
CA ARG A 193 24.07 8.35 -14.48
C ARG A 193 22.82 7.95 -15.25
N ASP A 194 22.49 6.64 -15.28
CA ASP A 194 21.39 6.16 -16.11
C ASP A 194 20.01 6.39 -15.50
N CYS A 195 19.92 6.64 -14.19
CA CYS A 195 18.63 6.93 -13.58
C CYS A 195 18.59 8.18 -12.72
N HIS A 196 19.73 8.83 -12.44
CA HIS A 196 19.73 9.94 -11.49
C HIS A 196 18.88 11.10 -11.97
N PHE A 197 18.62 11.22 -13.27
CA PHE A 197 17.87 12.35 -13.80
C PHE A 197 16.38 12.10 -13.91
N ILE A 198 15.92 10.85 -13.71
CA ILE A 198 14.56 10.46 -14.10
C ILE A 198 13.51 11.25 -13.32
N PHE A 199 13.61 11.30 -11.99
CA PHE A 199 12.46 11.56 -11.15
C PHE A 199 12.49 12.93 -10.49
N GLY A 200 11.27 13.46 -10.24
CA GLY A 200 11.10 14.67 -9.47
C GLY A 200 10.10 14.47 -8.34
N ASP A 201 9.98 15.49 -7.50
CA ASP A 201 9.07 15.44 -6.36
C ASP A 201 7.80 16.22 -6.66
N VAL A 202 6.67 15.74 -6.15
CA VAL A 202 5.39 16.39 -6.38
C VAL A 202 4.33 15.70 -5.52
N ALA A 203 3.18 16.35 -5.38
CA ALA A 203 1.96 15.76 -4.86
C ALA A 203 0.81 16.22 -5.72
N THR A 204 -0.09 15.31 -6.08
CA THR A 204 -1.31 15.64 -6.77
C THR A 204 -2.49 15.05 -6.02
N ALA A 205 -3.67 15.58 -6.33
CA ALA A 205 -4.90 15.09 -5.76
C ALA A 205 -6.00 15.23 -6.81
N SER A 206 -7.05 14.43 -6.67
CA SER A 206 -8.22 14.49 -7.53
C SER A 206 -9.48 14.25 -6.71
N ILE A 207 -10.55 14.95 -7.06
CA ILE A 207 -11.87 14.73 -6.50
C ILE A 207 -12.69 14.01 -7.55
N ILE A 208 -13.22 12.83 -7.19
CA ILE A 208 -14.08 12.06 -8.06
C ILE A 208 -15.46 12.01 -7.43
N GLU A 209 -16.50 12.32 -8.21
CA GLU A 209 -17.85 12.49 -7.70
C GLU A 209 -18.86 11.80 -8.59
N GLU A 210 -19.93 11.34 -7.97
CA GLU A 210 -21.12 10.98 -8.72
C GLU A 210 -21.93 12.23 -8.97
N THR A 211 -22.06 12.61 -10.24
CA THR A 211 -22.76 13.85 -10.53
C THR A 211 -23.11 13.85 -12.01
N THR A 212 -24.21 14.54 -12.32
CA THR A 212 -24.56 14.86 -13.69
C THR A 212 -24.66 16.36 -13.88
N THR A 213 -24.29 17.15 -12.87
CA THR A 213 -24.55 18.58 -12.85
C THR A 213 -23.32 19.42 -12.49
N LYS A 214 -22.13 18.84 -12.38
CA LYS A 214 -20.91 19.60 -12.17
C LYS A 214 -19.97 19.36 -13.33
N THR A 215 -19.26 20.41 -13.72
CA THR A 215 -18.26 20.29 -14.75
C THR A 215 -17.20 19.27 -14.34
N GLY A 216 -16.80 18.42 -15.28
CA GLY A 216 -15.70 17.49 -15.04
C GLY A 216 -15.57 16.49 -16.17
N PHE A 217 -14.59 15.61 -16.00
CA PHE A 217 -14.29 14.56 -16.97
C PHE A 217 -14.99 13.27 -16.55
N GLU A 218 -16.00 12.84 -17.31
CA GLU A 218 -16.77 11.66 -16.95
C GLU A 218 -15.98 10.43 -17.37
N ILE A 219 -15.84 9.48 -16.45
CA ILE A 219 -15.10 8.24 -16.69
C ILE A 219 -15.98 7.29 -17.50
N LEU A 220 -15.50 6.90 -18.69
CA LEU A 220 -16.28 6.06 -19.61
C LEU A 220 -15.81 4.62 -19.65
N ASP A 221 -14.52 4.38 -19.45
CA ASP A 221 -14.00 3.03 -19.56
C ASP A 221 -12.61 2.98 -18.94
N ILE A 222 -12.33 1.88 -18.26
CA ILE A 222 -11.09 1.70 -17.52
C ILE A 222 -10.56 0.32 -17.85
N HIS A 223 -9.30 0.26 -18.28
CA HIS A 223 -8.58 -1.00 -18.46
C HIS A 223 -7.32 -0.95 -17.60
N LEU A 224 -7.24 -1.83 -16.61
CA LEU A 224 -6.06 -2.00 -15.78
C LEU A 224 -5.35 -3.29 -16.17
N PHE A 225 -4.04 -3.33 -16.01
CA PHE A 225 -3.30 -4.51 -16.44
C PHE A 225 -2.00 -4.57 -15.67
N THR A 226 -1.68 -5.75 -15.15
CA THR A 226 -0.38 -5.95 -14.55
C THR A 226 0.21 -7.26 -15.04
N GLN A 227 1.53 -7.28 -15.08
CA GLN A 227 2.30 -8.46 -15.50
C GLN A 227 3.68 -8.31 -14.86
N PHE A 228 4.04 -9.26 -14.01
CA PHE A 228 5.22 -9.09 -13.18
C PHE A 228 6.49 -9.02 -14.02
N SER A 229 7.33 -8.05 -13.69
CA SER A 229 8.65 -7.89 -14.29
C SER A 229 9.61 -7.32 -13.26
N ASN A 230 10.84 -7.81 -13.30
CA ASN A 230 11.90 -7.27 -12.47
C ASN A 230 12.67 -6.14 -13.13
N ASN A 231 12.19 -5.59 -14.24
CA ASN A 231 12.94 -4.56 -14.94
C ASN A 231 12.90 -3.20 -14.24
N ILE A 232 11.95 -2.99 -13.32
CA ILE A 232 12.02 -1.88 -12.36
C ILE A 232 11.75 -2.46 -10.97
N ARG A 233 12.65 -2.17 -10.03
CA ARG A 233 12.55 -2.79 -8.72
C ARG A 233 13.34 -1.99 -7.69
N ASN A 234 12.82 -1.99 -6.47
CA ASN A 234 13.49 -1.42 -5.31
C ASN A 234 13.30 -2.40 -4.18
N ASN A 235 14.41 -2.98 -3.69
CA ASN A 235 14.32 -4.06 -2.70
C ASN A 235 14.37 -3.57 -1.26
N PHE A 236 14.35 -2.25 -1.04
CA PHE A 236 14.24 -1.71 0.32
C PHE A 236 12.94 -2.14 0.99
N GLY A 237 13.01 -2.51 2.26
CA GLY A 237 11.81 -2.89 2.99
C GLY A 237 12.09 -3.25 4.43
N PHE A 238 10.99 -3.52 5.16
CA PHE A 238 11.05 -3.75 6.60
C PHE A 238 11.77 -5.04 6.99
N LEU A 239 11.98 -5.99 6.06
CA LEU A 239 12.75 -7.19 6.37
C LEU A 239 14.24 -7.07 6.11
N ASN A 240 14.71 -5.97 5.48
CA ASN A 240 16.15 -5.79 5.28
C ASN A 240 16.92 -5.94 6.60
N ARG A 241 16.37 -5.37 7.67
CA ARG A 241 16.94 -5.52 9.01
C ARG A 241 17.16 -6.99 9.37
N SER A 242 16.13 -7.83 9.16
CA SER A 242 16.22 -9.24 9.54
C SER A 242 17.03 -10.08 8.55
N GLU A 243 17.12 -9.65 7.29
CA GLU A 243 18.02 -10.26 6.31
C GLU A 243 19.48 -9.89 6.51
N ASP A 244 19.77 -8.92 7.38
CA ASP A 244 21.07 -8.24 7.43
C ASP A 244 21.58 -7.96 6.03
N ALA A 245 20.77 -7.19 5.29
CA ALA A 245 20.93 -7.07 3.84
C ALA A 245 22.22 -6.35 3.49
N VAL A 246 22.85 -6.81 2.42
CA VAL A 246 24.16 -6.30 2.01
C VAL A 246 24.13 -5.83 0.57
N VAL A 247 23.23 -6.39 -0.25
CA VAL A 247 23.23 -6.02 -1.66
C VAL A 247 22.84 -4.55 -1.80
N ASP A 248 23.56 -3.84 -2.68
CA ASP A 248 23.30 -2.43 -2.91
C ASP A 248 22.20 -2.33 -3.97
N ASP A 249 20.97 -2.57 -3.53
CA ASP A 249 19.83 -2.51 -4.42
C ASP A 249 18.61 -2.00 -3.67
N LYS A 250 18.84 -1.16 -2.66
CA LYS A 250 17.79 -0.66 -1.79
C LYS A 250 17.29 0.69 -2.23
N LEU A 251 17.41 0.99 -3.51
CA LEU A 251 16.83 2.20 -4.07
C LEU A 251 16.38 1.84 -5.48
N PHE A 252 16.03 2.87 -6.25
CA PHE A 252 15.51 2.63 -7.60
C PHE A 252 16.56 1.96 -8.48
N ARG A 253 16.19 0.82 -9.08
CA ARG A 253 16.99 0.16 -10.10
C ARG A 253 16.14 -0.09 -11.32
N GLN A 254 16.74 0.05 -12.50
CA GLN A 254 15.98 -0.15 -13.72
C GLN A 254 16.91 -0.57 -14.85
N ASP A 255 16.42 -1.48 -15.68
CA ASP A 255 16.97 -1.72 -17.02
C ASP A 255 16.15 -0.86 -17.98
N GLY A 256 16.60 0.37 -18.20
CA GLY A 256 15.79 1.30 -18.98
C GLY A 256 15.50 0.80 -20.38
N ARG A 257 16.47 0.12 -21.00
CA ARG A 257 16.30 -0.32 -22.38
C ARG A 257 15.16 -1.33 -22.50
N LYS A 258 15.10 -2.32 -21.59
CA LYS A 258 14.06 -3.34 -21.63
C LYS A 258 12.68 -2.76 -21.34
N VAL A 259 12.59 -1.85 -20.36
CA VAL A 259 11.32 -1.18 -20.07
C VAL A 259 10.80 -0.48 -21.31
N PHE A 260 11.66 0.29 -21.98
CA PHE A 260 11.27 0.97 -23.22
C PHE A 260 10.74 -0.02 -24.26
N LYS A 261 11.49 -1.10 -24.51
CA LYS A 261 11.04 -2.14 -25.43
C LYS A 261 9.70 -2.74 -25.02
N ASP A 262 9.55 -3.07 -23.73
CA ASP A 262 8.40 -3.86 -23.28
C ASP A 262 7.12 -3.02 -23.20
N VAL A 263 7.23 -1.76 -22.78
CA VAL A 263 6.04 -1.01 -22.35
C VAL A 263 5.39 -0.25 -23.50
N CYS A 264 6.16 0.33 -24.41
CA CYS A 264 5.58 1.03 -25.55
C CYS A 264 4.54 0.19 -26.30
N PRO A 265 4.87 -1.03 -26.77
CA PRO A 265 3.84 -1.80 -27.49
C PRO A 265 2.71 -2.22 -26.58
N LEU A 266 2.99 -2.42 -25.30
CA LEU A 266 1.93 -2.77 -24.35
C LEU A 266 0.92 -1.65 -24.22
N VAL A 267 1.40 -0.42 -24.02
CA VAL A 267 0.49 0.72 -23.83
C VAL A 267 -0.34 0.95 -25.09
N ALA A 268 0.32 1.01 -26.25
CA ALA A 268 -0.41 1.30 -27.48
C ALA A 268 -1.47 0.24 -27.75
N LYS A 269 -1.11 -1.03 -27.53
CA LYS A 269 -2.08 -2.09 -27.76
C LYS A 269 -3.29 -1.92 -26.86
N ILE A 270 -3.05 -1.60 -25.58
CA ILE A 270 -4.17 -1.42 -24.65
C ILE A 270 -5.02 -0.23 -25.05
N ILE A 271 -4.39 0.89 -25.40
CA ILE A 271 -5.15 2.08 -25.77
C ILE A 271 -6.01 1.79 -27.00
N ASN A 272 -5.41 1.13 -28.00
CA ASN A 272 -6.14 0.85 -29.24
C ASN A 272 -7.33 -0.06 -28.99
N ALA A 273 -7.12 -1.15 -28.25
CA ALA A 273 -8.23 -2.04 -27.95
C ALA A 273 -9.33 -1.30 -27.22
N GLN A 274 -8.95 -0.36 -26.36
CA GLN A 274 -9.95 0.42 -25.63
C GLN A 274 -10.72 1.33 -26.56
N LEU A 275 -10.05 1.97 -27.50
CA LEU A 275 -10.74 2.84 -28.44
C LEU A 275 -11.72 2.06 -29.31
N GLU A 276 -11.25 0.94 -29.90
CA GLU A 276 -12.15 0.02 -30.60
C GLU A 276 -13.37 -0.30 -29.75
N LYS A 277 -13.12 -0.77 -28.53
CA LYS A 277 -14.20 -1.10 -27.59
C LYS A 277 -15.22 0.02 -27.49
N MET A 278 -14.74 1.26 -27.50
CA MET A 278 -15.59 2.41 -27.24
C MET A 278 -16.18 3.02 -28.51
N GLN A 279 -15.97 2.41 -29.67
CA GLN A 279 -16.45 2.95 -30.95
C GLN A 279 -15.82 4.29 -31.28
N LEU A 280 -14.59 4.53 -30.82
CA LEU A 280 -13.88 5.77 -31.05
C LEU A 280 -12.61 5.52 -31.84
N THR A 281 -12.23 6.52 -32.63
CA THR A 281 -10.95 6.54 -33.31
C THR A 281 -9.98 7.43 -32.54
N ALA A 282 -8.70 7.30 -32.87
CA ALA A 282 -7.69 8.17 -32.28
C ALA A 282 -7.97 9.64 -32.55
N ASN A 283 -8.62 9.95 -33.67
CA ASN A 283 -8.88 11.36 -33.96
C ASN A 283 -10.12 11.88 -33.24
N ASP A 284 -10.84 11.04 -32.49
CA ASP A 284 -11.84 11.55 -31.57
C ASP A 284 -11.25 11.98 -30.22
N ILE A 285 -9.97 11.75 -29.98
CA ILE A 285 -9.36 12.03 -28.69
C ILE A 285 -8.70 13.41 -28.73
N LYS A 286 -9.28 14.37 -28.02
CA LYS A 286 -8.70 15.72 -27.99
C LYS A 286 -7.34 15.75 -27.29
N ARG A 287 -7.20 15.04 -26.16
CA ARG A 287 -5.95 15.01 -25.41
C ARG A 287 -5.65 13.61 -24.91
N PHE A 288 -4.41 13.16 -25.12
CA PHE A 288 -3.86 11.99 -24.45
C PHE A 288 -3.04 12.46 -23.27
N TRP A 289 -3.50 12.17 -22.06
CA TRP A 289 -2.71 12.47 -20.87
C TRP A 289 -1.96 11.20 -20.51
N LEU A 290 -0.68 11.16 -20.90
CA LEU A 290 0.17 10.00 -20.79
C LEU A 290 1.11 10.11 -19.59
N HIS A 291 1.57 8.95 -19.13
CA HIS A 291 2.62 8.90 -18.12
C HIS A 291 3.79 9.80 -18.52
N GLN A 292 4.43 10.41 -17.53
CA GLN A 292 5.41 11.44 -17.82
C GLN A 292 6.83 11.02 -17.43
N ALA A 293 7.34 9.99 -18.08
CA ALA A 293 8.70 9.53 -17.83
C ALA A 293 9.66 9.93 -18.93
N ASN A 294 9.22 9.95 -20.19
CA ASN A 294 10.16 9.97 -21.32
C ASN A 294 9.43 10.43 -22.57
N ALA A 295 9.71 11.65 -23.04
CA ALA A 295 8.93 12.21 -24.14
C ALA A 295 9.06 11.36 -25.40
N ASN A 296 10.22 10.76 -25.64
CA ASN A 296 10.37 9.87 -26.79
C ASN A 296 9.38 8.71 -26.71
N MET A 297 9.29 8.05 -25.55
CA MET A 297 8.32 6.99 -25.36
C MET A 297 6.90 7.50 -25.65
N ASN A 298 6.57 8.70 -25.18
CA ASN A 298 5.23 9.23 -25.36
C ASN A 298 4.96 9.51 -26.84
N GLU A 299 5.88 10.20 -27.51
CA GLU A 299 5.74 10.45 -28.93
C GLU A 299 5.58 9.15 -29.70
N LEU A 300 6.36 8.12 -29.33
CA LEU A 300 6.27 6.81 -29.95
C LEU A 300 4.88 6.22 -29.80
N ILE A 301 4.41 6.08 -28.56
CA ILE A 301 3.07 5.56 -28.28
C ILE A 301 2.02 6.43 -28.98
N LEU A 302 2.18 7.76 -28.91
CA LEU A 302 1.22 8.66 -29.55
C LEU A 302 1.15 8.42 -31.05
N LYS A 303 2.30 8.19 -31.70
CA LYS A 303 2.27 8.07 -33.16
C LYS A 303 1.72 6.71 -33.59
N TYR A 304 1.80 5.69 -32.74
CA TYR A 304 1.17 4.43 -33.11
C TYR A 304 -0.35 4.61 -33.03
N VAL A 305 -0.88 4.82 -31.82
CA VAL A 305 -2.33 4.90 -31.63
C VAL A 305 -2.97 5.91 -32.59
N ALA A 306 -2.39 7.09 -32.70
CA ALA A 306 -2.91 8.15 -33.56
C ALA A 306 -2.23 8.06 -34.93
N GLY A 307 -2.33 9.13 -35.71
CA GLY A 307 -1.59 9.18 -36.95
C GLY A 307 -0.14 9.59 -36.75
N LYS A 308 0.68 9.30 -37.76
CA LYS A 308 2.06 9.79 -37.71
C LYS A 308 2.09 11.30 -37.80
N ASP A 309 1.07 11.91 -38.42
CA ASP A 309 0.98 13.36 -38.54
C ASP A 309 0.10 13.99 -37.46
N ALA A 310 -0.06 13.33 -36.32
CA ALA A 310 -0.84 13.92 -35.24
C ALA A 310 -0.07 15.08 -34.61
N ASP A 311 -0.81 16.12 -34.21
CA ASP A 311 -0.17 17.29 -33.64
C ASP A 311 0.41 16.96 -32.26
N LEU A 312 1.69 17.32 -32.10
CA LEU A 312 2.41 17.31 -30.82
C LEU A 312 1.49 17.70 -29.68
N SER A 313 0.64 18.71 -29.95
CA SER A 313 -0.18 19.36 -28.95
C SER A 313 -1.18 18.43 -28.29
N ARG A 314 -1.50 17.29 -28.91
CA ARG A 314 -2.54 16.45 -28.34
C ARG A 314 -2.04 15.51 -27.24
N ALA A 315 -0.73 15.45 -26.99
CA ALA A 315 -0.17 14.66 -25.88
C ALA A 315 0.70 15.58 -25.03
N PRO A 316 0.09 16.35 -24.13
CA PRO A 316 0.85 17.35 -23.35
C PRO A 316 2.04 16.73 -22.63
N ILE A 317 3.09 17.55 -22.53
CA ILE A 317 4.33 17.18 -21.87
C ILE A 317 4.54 18.12 -20.69
N ILE A 318 4.55 17.58 -19.47
CA ILE A 318 4.93 18.35 -18.29
C ILE A 318 6.24 17.87 -17.69
N LEU A 319 6.78 16.74 -18.17
CA LEU A 319 8.01 16.20 -17.60
C LEU A 319 9.23 17.10 -17.82
N ASP A 320 9.15 18.05 -18.77
CA ASP A 320 10.26 18.98 -18.96
C ASP A 320 10.53 19.77 -17.71
N GLU A 321 9.49 20.04 -16.95
CA GLU A 321 9.53 20.86 -15.74
C GLU A 321 9.55 20.04 -14.45
N PHE A 322 8.88 18.89 -14.41
CA PHE A 322 8.79 18.08 -13.20
C PHE A 322 9.64 16.81 -13.22
N ALA A 323 10.30 16.51 -14.33
CA ALA A 323 10.85 15.17 -14.53
C ALA A 323 9.71 14.16 -14.37
N ASN A 324 10.06 12.91 -14.11
CA ASN A 324 9.06 11.86 -13.93
C ASN A 324 8.60 11.87 -12.49
N THR A 325 7.29 12.00 -12.28
CA THR A 325 6.76 12.02 -10.92
C THR A 325 6.01 10.72 -10.59
N SER A 326 6.32 9.64 -11.30
CA SER A 326 5.77 8.31 -11.03
C SER A 326 4.25 8.38 -11.16
N SER A 327 3.48 8.06 -10.13
CA SER A 327 2.03 7.96 -10.29
C SER A 327 1.37 9.31 -10.52
N ALA A 328 2.02 10.40 -10.09
CA ALA A 328 1.44 11.74 -10.19
C ALA A 328 1.46 12.29 -11.60
N GLY A 329 2.36 11.81 -12.45
CA GLY A 329 2.56 12.36 -13.78
C GLY A 329 1.30 12.67 -14.57
N VAL A 330 0.44 11.66 -14.81
CA VAL A 330 -0.75 11.88 -15.64
C VAL A 330 -1.67 12.92 -15.02
N ILE A 331 -1.70 13.02 -13.70
CA ILE A 331 -2.58 13.98 -13.05
C ILE A 331 -2.04 15.40 -13.23
N ILE A 332 -0.71 15.57 -13.15
CA ILE A 332 -0.14 16.87 -13.46
C ILE A 332 -0.58 17.28 -14.85
N ALA A 333 -0.39 16.38 -15.82
CA ALA A 333 -0.72 16.69 -17.21
C ALA A 333 -2.19 17.06 -17.34
N LEU A 334 -3.07 16.29 -16.70
CA LEU A 334 -4.50 16.58 -16.75
C LEU A 334 -4.80 17.92 -16.08
N HIS A 335 -4.13 18.18 -14.96
CA HIS A 335 -4.34 19.43 -14.22
C HIS A 335 -3.92 20.64 -15.07
N ARG A 336 -2.85 20.51 -15.83
CA ARG A 336 -2.35 21.68 -16.56
C ARG A 336 -3.09 21.94 -17.86
N THR A 337 -3.70 20.90 -18.46
CA THR A 337 -4.23 21.05 -19.81
C THR A 337 -5.67 20.56 -20.00
N GLY A 338 -6.31 20.02 -18.96
CA GLY A 338 -7.74 19.70 -19.08
C GLY A 338 -8.55 20.84 -19.64
N HIS A 339 -8.11 22.08 -19.43
CA HIS A 339 -8.85 23.24 -19.92
C HIS A 339 -8.80 23.34 -21.44
N GLU A 340 -7.89 22.62 -22.10
CA GLU A 340 -7.79 22.64 -23.56
C GLU A 340 -8.81 21.72 -24.25
N VAL A 341 -9.58 20.94 -23.50
CA VAL A 341 -10.60 20.03 -24.04
C VAL A 341 -11.93 20.74 -24.00
N ASP A 342 -12.65 20.74 -25.12
CA ASP A 342 -13.96 21.37 -25.20
C ASP A 342 -15.04 20.47 -24.60
N ASP A 343 -16.15 21.11 -24.23
CA ASP A 343 -17.36 20.40 -23.84
C ASP A 343 -17.70 19.31 -24.85
N GLY A 344 -17.88 18.09 -24.34
CA GLY A 344 -18.23 16.96 -25.19
C GLY A 344 -17.06 16.21 -25.78
N GLU A 345 -15.83 16.75 -25.70
CA GLU A 345 -14.69 16.10 -26.34
C GLU A 345 -14.12 15.00 -25.45
N TYR A 346 -13.32 14.12 -26.05
CA TYR A 346 -12.86 12.90 -25.38
C TYR A 346 -11.39 13.01 -25.04
N GLY A 347 -11.00 12.27 -23.99
CA GLY A 347 -9.63 12.26 -23.53
C GLY A 347 -9.24 10.87 -23.06
N VAL A 348 -7.92 10.68 -22.95
CA VAL A 348 -7.38 9.39 -22.52
C VAL A 348 -6.34 9.69 -21.45
N ILE A 349 -6.51 9.07 -20.28
CA ILE A 349 -5.52 9.09 -19.21
C ILE A 349 -4.87 7.72 -19.19
N SER A 350 -3.54 7.67 -19.29
CA SER A 350 -2.89 6.38 -19.29
C SER A 350 -1.56 6.45 -18.56
N SER A 351 -1.41 5.61 -17.53
CA SER A 351 -0.18 5.47 -16.77
C SER A 351 0.46 4.14 -17.12
N PHE A 352 1.76 4.07 -16.95
CA PHE A 352 2.44 2.82 -17.22
C PHE A 352 3.80 2.87 -16.57
N GLY A 353 4.30 1.71 -16.18
CA GLY A 353 5.64 1.62 -15.63
C GLY A 353 5.80 0.42 -14.71
N ALA A 354 6.36 0.66 -13.53
CA ALA A 354 6.88 -0.39 -12.68
C ALA A 354 5.81 -1.41 -12.29
N GLY A 355 6.29 -2.62 -12.03
CA GLY A 355 5.48 -3.75 -11.66
C GLY A 355 5.29 -4.71 -12.79
N TYR A 356 5.69 -4.26 -13.98
CA TYR A 356 4.79 -3.83 -15.07
C TYR A 356 3.33 -3.70 -14.65
N SER A 357 2.87 -2.45 -14.80
CA SER A 357 1.48 -2.05 -14.61
C SER A 357 1.10 -1.09 -15.74
N VAL A 358 -0.15 -1.18 -16.20
CA VAL A 358 -0.73 -0.21 -17.11
C VAL A 358 -2.14 0.11 -16.67
N GLY A 359 -2.51 1.38 -16.66
CA GLY A 359 -3.89 1.77 -16.49
C GLY A 359 -4.31 2.73 -17.58
N SER A 360 -5.47 2.51 -18.21
CA SER A 360 -5.92 3.40 -19.28
C SER A 360 -7.39 3.75 -19.11
N ILE A 361 -7.69 5.04 -19.14
CA ILE A 361 -9.03 5.54 -18.85
C ILE A 361 -9.47 6.42 -20.00
N VAL A 362 -10.64 6.14 -20.55
CA VAL A 362 -11.28 7.01 -21.54
C VAL A 362 -12.23 7.91 -20.76
N VAL A 363 -12.19 9.21 -21.05
CA VAL A 363 -13.06 10.15 -20.38
C VAL A 363 -13.68 11.07 -21.42
N GLN A 364 -14.75 11.76 -21.01
CA GLN A 364 -15.36 12.78 -21.86
C GLN A 364 -15.73 13.97 -20.99
N LYS A 365 -15.39 15.16 -21.46
CA LYS A 365 -15.61 16.35 -20.68
C LYS A 365 -17.07 16.80 -20.81
N HIS A 366 -17.65 17.23 -19.69
CA HIS A 366 -18.97 17.85 -19.64
C HIS A 366 -18.83 19.18 -18.91
N VAL A 367 -19.47 20.23 -19.41
CA VAL A 367 -19.44 21.54 -18.78
C VAL A 367 -20.80 21.83 -18.15
N ALA A 368 -20.79 22.21 -16.89
CA ALA A 368 -22.04 22.55 -16.20
C ALA A 368 -22.31 24.05 -16.26
N GLY B 2 -25.43 -11.37 -6.34
CA GLY B 2 -24.85 -11.87 -5.10
C GLY B 2 -23.34 -12.11 -5.15
N ILE B 3 -22.65 -11.66 -4.11
CA ILE B 3 -21.19 -11.78 -4.03
C ILE B 3 -20.85 -12.62 -2.80
N ARG B 4 -19.91 -13.56 -2.96
CA ARG B 4 -19.72 -14.62 -1.97
C ARG B 4 -18.27 -15.00 -1.78
N ILE B 5 -17.89 -15.20 -0.52
CA ILE B 5 -16.61 -15.80 -0.17
C ILE B 5 -16.74 -17.31 -0.27
N THR B 6 -16.07 -17.91 -1.24
CA THR B 6 -16.27 -19.31 -1.58
C THR B 6 -15.10 -20.21 -1.20
N GLY B 7 -13.97 -19.65 -0.84
CA GLY B 7 -12.86 -20.44 -0.34
C GLY B 7 -11.93 -19.58 0.46
N THR B 8 -11.32 -20.17 1.49
CA THR B 8 -10.23 -19.54 2.21
C THR B 8 -9.06 -20.51 2.28
N GLY B 9 -7.87 -19.94 2.52
CA GLY B 9 -6.66 -20.71 2.59
C GLY B 9 -5.76 -20.16 3.67
N LEU B 10 -4.86 -21.01 4.16
CA LEU B 10 -4.08 -20.73 5.36
C LEU B 10 -2.68 -21.33 5.23
N PHE B 11 -1.67 -20.50 5.48
CA PHE B 11 -0.30 -20.99 5.63
C PHE B 11 0.30 -20.36 6.87
N HIS B 12 0.95 -21.18 7.68
CA HIS B 12 1.76 -20.62 8.75
C HIS B 12 3.14 -21.25 8.68
N PRO B 13 4.16 -20.54 9.11
CA PRO B 13 5.51 -21.12 9.14
C PRO B 13 5.59 -22.21 10.20
N THR B 14 6.72 -22.92 10.19
CA THR B 14 6.80 -24.21 10.85
C THR B 14 7.07 -24.07 12.35
N GLU B 15 8.06 -23.27 12.73
CA GLU B 15 8.47 -23.20 14.13
C GLU B 15 7.47 -22.41 14.97
N ILE B 16 7.35 -22.84 16.21
CA ILE B 16 6.49 -22.25 17.23
C ILE B 16 7.37 -21.63 18.31
N ILE B 17 6.95 -20.51 18.85
CA ILE B 17 7.54 -19.92 20.05
C ILE B 17 6.46 -19.89 21.11
N SER B 18 6.68 -20.64 22.21
CA SER B 18 5.75 -20.59 23.33
C SER B 18 6.02 -19.35 24.18
N ASN B 19 5.00 -18.94 24.94
CA ASN B 19 5.16 -17.78 25.84
C ASN B 19 6.36 -17.96 26.75
N GLU B 20 6.52 -19.17 27.30
CA GLU B 20 7.63 -19.41 28.21
C GLU B 20 8.96 -19.21 27.50
N GLU B 21 9.08 -19.69 26.26
CA GLU B 21 10.31 -19.46 25.49
C GLU B 21 10.53 -17.97 25.25
N LEU B 22 9.45 -17.25 24.96
CA LEU B 22 9.59 -15.83 24.67
C LEU B 22 9.91 -15.08 25.95
N ALA B 23 9.18 -15.40 27.04
CA ALA B 23 9.47 -14.77 28.32
C ALA B 23 10.89 -15.05 28.76
N ASP B 24 11.32 -16.32 28.66
CA ASP B 24 12.72 -16.66 28.94
C ASP B 24 13.67 -15.78 28.16
N SER B 25 13.38 -15.57 26.87
CA SER B 25 14.30 -14.80 26.02
C SER B 25 14.39 -13.33 26.45
N LEU B 26 13.24 -12.68 26.60
CA LEU B 26 13.24 -11.27 27.03
C LEU B 26 13.87 -11.13 28.42
N ASN B 27 13.56 -12.05 29.33
CA ASN B 27 14.16 -11.99 30.67
C ASN B 27 15.68 -12.08 30.59
N ALA B 28 16.20 -12.93 29.70
CA ALA B 28 17.64 -12.96 29.46
C ALA B 28 18.13 -11.60 28.97
N TYR B 29 17.35 -10.96 28.09
CA TYR B 29 17.75 -9.66 27.56
C TYR B 29 17.75 -8.59 28.63
N VAL B 30 16.72 -8.55 29.48
CA VAL B 30 16.63 -7.44 30.43
C VAL B 30 17.61 -7.64 31.59
N GLU B 31 17.72 -8.86 32.12
CA GLU B 31 18.62 -9.08 33.26
C GLU B 31 20.04 -8.71 32.89
N GLN B 32 20.42 -8.99 31.65
CA GLN B 32 21.75 -8.72 31.14
C GLN B 32 21.94 -7.23 30.87
N TYR B 33 21.01 -6.61 30.12
CA TYR B 33 20.99 -5.14 29.96
C TYR B 33 21.07 -4.43 31.30
N ASN B 34 20.18 -4.79 32.24
CA ASN B 34 20.18 -4.17 33.57
C ASN B 34 21.49 -4.38 34.31
N GLN B 35 22.33 -5.30 33.85
CA GLN B 35 23.68 -5.40 34.38
C GLN B 35 24.64 -4.47 33.65
N GLU B 36 24.59 -4.46 32.31
CA GLU B 36 25.50 -3.60 31.55
C GLU B 36 25.32 -2.13 31.88
N ASN B 37 24.15 -1.73 32.39
CA ASN B 37 23.84 -0.33 32.67
C ASN B 37 23.42 -0.18 34.14
N ALA B 38 24.38 -0.38 35.05
CA ALA B 38 24.09 -0.20 36.47
C ALA B 38 24.35 1.24 36.92
N GLU B 39 25.40 1.88 36.41
CA GLU B 39 25.69 3.27 36.77
C GLU B 39 24.60 4.22 36.31
N LYS B 40 23.67 3.75 35.48
CA LYS B 40 22.57 4.57 34.99
C LYS B 40 21.23 4.18 35.59
N ILE B 41 21.10 2.94 36.09
CA ILE B 41 19.95 2.58 36.92
C ILE B 41 20.01 3.34 38.25
N ALA B 42 21.19 3.42 38.85
CA ALA B 42 21.37 4.14 40.11
C ALA B 42 21.61 5.63 39.91
N ALA B 43 21.54 6.13 38.68
CA ALA B 43 21.72 7.54 38.39
C ALA B 43 20.48 8.22 37.83
N GLY B 44 19.45 7.47 37.42
CA GLY B 44 18.22 8.05 36.95
C GLY B 44 18.20 8.48 35.49
N GLU B 45 19.26 8.20 34.74
CA GLU B 45 19.31 8.56 33.33
C GLU B 45 18.67 7.49 32.44
N LEU B 46 19.01 6.22 32.68
CA LEU B 46 18.37 5.09 32.04
C LEU B 46 17.58 4.31 33.07
N GLU B 47 16.29 4.11 32.82
CA GLU B 47 15.43 3.39 33.76
C GLU B 47 15.70 1.90 33.70
N GLU B 48 15.49 1.22 34.84
CA GLU B 48 15.69 -0.22 34.92
C GLU B 48 14.60 -0.95 34.15
N LEU B 49 15.02 -1.84 33.24
CA LEU B 49 14.09 -2.60 32.40
C LEU B 49 13.40 -3.70 33.21
N ARG B 50 12.21 -4.08 32.74
CA ARG B 50 11.34 -5.01 33.44
C ARG B 50 11.09 -6.25 32.59
N GLY B 51 11.10 -7.42 33.24
CA GLY B 51 10.82 -8.67 32.57
C GLY B 51 9.34 -8.99 32.56
N SER B 52 9.04 -10.23 32.21
CA SER B 52 7.66 -10.73 32.24
C SER B 52 7.70 -12.25 32.34
N SER B 53 6.55 -12.87 32.10
CA SER B 53 6.38 -14.29 32.34
C SER B 53 5.30 -14.81 31.41
N ALA B 54 5.33 -16.13 31.20
CA ALA B 54 4.27 -16.77 30.44
C ALA B 54 2.90 -16.51 31.07
N GLU B 55 2.85 -16.38 32.40
CA GLU B 55 1.58 -16.12 33.07
C GLU B 55 1.07 -14.74 32.71
N PHE B 56 1.95 -13.73 32.79
CA PHE B 56 1.59 -12.37 32.42
C PHE B 56 1.07 -12.32 30.99
N ILE B 57 1.77 -12.98 30.07
CA ILE B 57 1.38 -12.96 28.65
C ILE B 57 -0.04 -13.52 28.48
N GLU B 58 -0.29 -14.70 29.00
CA GLU B 58 -1.56 -15.36 28.74
C GLU B 58 -2.71 -14.60 29.38
N LYS B 59 -2.55 -14.17 30.63
CA LYS B 59 -3.59 -13.38 31.28
C LYS B 59 -3.88 -12.11 30.50
N ALA B 60 -2.84 -11.43 30.01
CA ALA B 60 -3.04 -10.16 29.32
C ALA B 60 -3.84 -10.33 28.03
N SER B 61 -3.74 -11.48 27.37
CA SER B 61 -4.18 -11.60 25.99
C SER B 61 -4.96 -12.88 25.66
N GLY B 62 -4.66 -13.97 26.35
CA GLY B 62 -5.14 -15.26 25.90
C GLY B 62 -4.19 -15.96 24.95
N ILE B 63 -3.11 -15.31 24.55
CA ILE B 63 -2.13 -15.94 23.66
C ILE B 63 -1.35 -16.97 24.44
N LYS B 64 -1.16 -18.16 23.85
CA LYS B 64 -0.30 -19.18 24.45
C LYS B 64 0.96 -19.45 23.66
N ARG B 65 0.93 -19.25 22.34
CA ARG B 65 2.04 -19.56 21.44
C ARG B 65 1.84 -18.73 20.18
N ARG B 66 2.84 -18.76 19.29
CA ARG B 66 2.70 -18.19 17.95
C ARG B 66 3.68 -18.86 17.00
N TYR B 67 3.32 -18.90 15.71
CA TYR B 67 4.27 -19.30 14.66
C TYR B 67 5.09 -18.10 14.21
N VAL B 68 6.34 -18.37 13.88
CA VAL B 68 7.27 -17.36 13.39
C VAL B 68 8.05 -17.95 12.24
N ILE B 69 8.59 -17.04 11.42
CA ILE B 69 9.34 -17.38 10.22
C ILE B 69 10.68 -18.02 10.55
N GLU B 70 11.29 -17.62 11.67
CA GLU B 70 12.61 -18.15 12.04
C GLU B 70 12.81 -17.93 13.53
N LYS B 71 12.95 -19.02 14.29
CA LYS B 71 12.82 -18.99 15.75
C LYS B 71 14.10 -18.56 16.45
N SER B 72 15.24 -19.09 16.01
CA SER B 72 16.48 -18.94 16.77
C SER B 72 16.84 -17.47 16.98
N GLY B 73 16.83 -16.68 15.90
CA GLY B 73 17.21 -15.27 16.00
C GLY B 73 16.24 -14.44 16.83
N ILE B 74 14.95 -14.77 16.78
CA ILE B 74 13.99 -14.09 17.64
C ILE B 74 14.33 -14.34 19.11
N LEU B 75 14.51 -15.61 19.49
CA LEU B 75 14.79 -15.91 20.88
C LEU B 75 16.19 -15.49 21.31
N ASP B 76 17.14 -15.38 20.38
CA ASP B 76 18.51 -15.05 20.77
C ASP B 76 18.56 -13.63 21.36
N PRO B 77 18.88 -13.52 22.65
CA PRO B 77 18.80 -12.20 23.32
C PRO B 77 19.80 -11.17 22.80
N THR B 78 20.82 -11.59 22.07
CA THR B 78 21.75 -10.65 21.44
C THR B 78 21.25 -10.17 20.08
N ARG B 79 20.14 -10.73 19.57
CA ARG B 79 19.68 -10.39 18.23
C ARG B 79 18.23 -9.92 18.27
N LEU B 80 17.34 -10.80 18.75
CA LEU B 80 15.93 -10.45 18.96
C LEU B 80 15.26 -10.03 17.65
N ARG B 81 15.57 -10.76 16.57
CA ARG B 81 14.87 -10.64 15.31
C ARG B 81 15.21 -11.86 14.46
N PRO B 82 14.29 -12.29 13.59
CA PRO B 82 14.52 -13.55 12.84
C PRO B 82 15.77 -13.44 11.98
N ARG B 83 16.37 -14.60 11.71
CA ARG B 83 17.53 -14.70 10.83
C ARG B 83 17.02 -15.07 9.44
N LEU B 84 17.14 -14.14 8.51
CA LEU B 84 16.68 -14.35 7.15
C LEU B 84 17.83 -14.08 6.19
N SER B 85 17.66 -14.52 4.94
CA SER B 85 18.62 -14.23 3.88
C SER B 85 17.96 -13.45 2.77
N GLU B 86 18.68 -12.47 2.24
CA GLU B 86 18.29 -11.82 1.00
C GLU B 86 18.10 -12.87 -0.10
N ARG B 87 16.98 -12.79 -0.81
CA ARG B 87 16.78 -13.58 -2.01
C ARG B 87 17.12 -12.76 -3.24
N SER B 88 17.41 -13.46 -4.34
CA SER B 88 17.65 -12.75 -5.57
C SER B 88 16.31 -12.40 -6.24
N ASN B 89 16.38 -11.49 -7.20
CA ASN B 89 15.18 -11.07 -7.92
C ASN B 89 14.50 -12.23 -8.65
N ASP B 90 15.26 -13.24 -9.09
CA ASP B 90 14.67 -14.35 -9.81
C ASP B 90 13.89 -15.29 -8.92
N GLU B 91 14.06 -15.19 -7.61
CA GLU B 91 13.37 -16.04 -6.66
C GLU B 91 12.09 -15.37 -6.20
N LEU B 92 11.06 -16.17 -6.00
CA LEU B 92 9.90 -15.73 -5.23
C LEU B 92 10.38 -15.06 -3.94
N SER B 93 9.93 -13.82 -3.72
CA SER B 93 10.22 -13.22 -2.43
C SER B 93 9.47 -13.96 -1.33
N ILE B 94 9.94 -13.77 -0.08
CA ILE B 94 9.35 -14.44 1.08
C ILE B 94 7.85 -14.16 1.14
N GLN B 95 7.47 -12.89 1.00
CA GLN B 95 6.07 -12.54 1.14
C GLN B 95 5.24 -13.08 -0.01
N ALA B 96 5.74 -12.99 -1.24
CA ALA B 96 5.01 -13.63 -2.33
C ALA B 96 4.92 -15.14 -2.11
N GLU B 97 6.00 -15.76 -1.61
CA GLU B 97 5.98 -17.22 -1.44
C GLU B 97 4.86 -17.65 -0.50
N TRP B 98 4.79 -17.05 0.70
CA TRP B 98 3.69 -17.39 1.61
C TRP B 98 2.34 -17.15 0.97
N GLY B 99 2.16 -15.97 0.35
CA GLY B 99 0.87 -15.66 -0.20
C GLY B 99 0.45 -16.66 -1.27
N VAL B 100 1.42 -17.19 -2.02
CA VAL B 100 1.09 -18.20 -3.02
C VAL B 100 0.55 -19.45 -2.35
N ILE B 101 1.26 -19.95 -1.33
CA ILE B 101 0.83 -21.18 -0.66
C ILE B 101 -0.57 -21.01 -0.11
N ALA B 102 -0.83 -19.90 0.59
CA ALA B 102 -2.19 -19.66 1.08
C ALA B 102 -3.18 -19.52 -0.09
N ALA B 103 -2.77 -18.86 -1.17
CA ALA B 103 -3.68 -18.68 -2.31
C ALA B 103 -4.07 -20.00 -2.96
N LYS B 104 -3.09 -20.88 -3.19
CA LYS B 104 -3.39 -22.18 -3.79
C LYS B 104 -4.44 -22.93 -2.99
N GLN B 105 -4.29 -22.98 -1.66
CA GLN B 105 -5.28 -23.68 -0.85
C GLN B 105 -6.66 -23.04 -0.99
N ALA B 106 -6.71 -21.69 -0.92
CA ALA B 106 -8.00 -21.01 -1.07
C ALA B 106 -8.62 -21.31 -2.44
N MET B 107 -7.80 -21.35 -3.49
CA MET B 107 -8.30 -21.67 -4.83
C MET B 107 -8.83 -23.10 -4.89
N GLU B 108 -8.09 -24.05 -4.31
CA GLU B 108 -8.53 -25.44 -4.32
C GLU B 108 -9.84 -25.59 -3.55
N ASN B 109 -9.93 -24.97 -2.36
CA ASN B 109 -11.16 -25.02 -1.58
C ASN B 109 -12.33 -24.36 -2.30
N ALA B 110 -12.04 -23.39 -3.16
CA ALA B 110 -13.09 -22.68 -3.88
C ALA B 110 -13.45 -23.36 -5.18
N GLY B 111 -12.63 -24.30 -5.64
CA GLY B 111 -12.84 -24.96 -6.91
C GLY B 111 -12.59 -24.04 -8.07
N VAL B 112 -11.50 -23.29 -8.03
CA VAL B 112 -11.15 -22.38 -9.12
C VAL B 112 -9.68 -22.56 -9.48
N THR B 113 -9.35 -22.16 -10.70
CA THR B 113 -7.98 -22.12 -11.17
C THR B 113 -7.61 -20.70 -11.52
N ALA B 114 -6.32 -20.50 -11.82
CA ALA B 114 -5.78 -19.18 -12.11
C ALA B 114 -6.61 -18.46 -13.18
N GLU B 115 -7.04 -19.19 -14.20
CA GLU B 115 -7.78 -18.57 -15.30
C GLU B 115 -9.13 -18.03 -14.87
N ASP B 116 -9.66 -18.49 -13.73
CA ASP B 116 -10.94 -17.99 -13.22
C ASP B 116 -10.82 -16.66 -12.47
N ILE B 117 -9.61 -16.13 -12.26
CA ILE B 117 -9.39 -15.00 -11.34
C ILE B 117 -9.06 -13.75 -12.14
N ASP B 118 -9.76 -12.64 -11.85
CA ASP B 118 -9.55 -11.37 -12.54
C ASP B 118 -8.70 -10.35 -11.80
N VAL B 119 -8.62 -10.43 -10.47
CA VAL B 119 -7.95 -9.42 -9.65
C VAL B 119 -7.23 -10.14 -8.52
N VAL B 120 -6.08 -9.61 -8.12
CA VAL B 120 -5.32 -10.12 -6.97
C VAL B 120 -4.98 -8.94 -6.08
N ILE B 121 -5.46 -8.95 -4.84
CA ILE B 121 -5.22 -7.88 -3.87
C ILE B 121 -4.38 -8.44 -2.74
N LEU B 122 -3.24 -7.81 -2.49
CA LEU B 122 -2.47 -8.07 -1.28
C LEU B 122 -2.82 -7.00 -0.28
N ALA B 123 -3.56 -7.37 0.75
CA ALA B 123 -4.02 -6.45 1.76
C ALA B 123 -3.40 -6.87 3.07
N CYS B 124 -2.41 -6.14 3.54
CA CYS B 124 -1.78 -6.53 4.81
C CYS B 124 -1.10 -5.31 5.40
N SER B 125 -0.45 -5.51 6.55
CA SER B 125 0.07 -4.40 7.34
C SER B 125 1.48 -3.96 6.97
N ASN B 126 2.22 -4.73 6.16
CA ASN B 126 3.56 -4.31 5.80
C ASN B 126 3.98 -5.02 4.52
N MET B 127 4.19 -4.27 3.44
CA MET B 127 4.68 -4.84 2.20
C MET B 127 6.18 -4.96 2.27
N GLN B 128 6.70 -6.03 1.67
CA GLN B 128 8.13 -6.34 1.77
C GLN B 128 8.95 -5.37 0.95
N ARG B 129 8.36 -4.77 -0.07
CA ARG B 129 9.04 -3.77 -0.87
C ARG B 129 7.98 -2.88 -1.50
N ALA B 130 8.43 -1.74 -2.03
CA ALA B 130 7.50 -0.81 -2.65
C ALA B 130 7.13 -1.22 -4.09
N TYR B 131 8.10 -1.63 -4.92
CA TYR B 131 7.78 -1.97 -6.30
C TYR B 131 8.83 -2.93 -6.84
N PRO B 132 8.45 -3.83 -7.76
CA PRO B 132 7.10 -4.11 -8.24
C PRO B 132 6.21 -4.60 -7.09
N ALA B 133 4.90 -4.34 -7.16
CA ALA B 133 4.01 -4.75 -6.08
C ALA B 133 4.10 -6.26 -5.82
N VAL B 134 4.08 -6.65 -4.55
CA VAL B 134 4.14 -8.07 -4.22
C VAL B 134 2.90 -8.79 -4.73
N ALA B 135 1.77 -8.08 -4.83
CA ALA B 135 0.55 -8.67 -5.38
C ALA B 135 0.78 -9.09 -6.83
N ILE B 136 1.54 -8.30 -7.59
CA ILE B 136 1.85 -8.64 -8.97
C ILE B 136 2.75 -9.88 -9.02
N GLU B 137 3.73 -9.97 -8.12
CA GLU B 137 4.54 -11.19 -8.01
C GLU B 137 3.68 -12.40 -7.68
N ILE B 138 2.68 -12.21 -6.81
CA ILE B 138 1.80 -13.31 -6.49
C ILE B 138 0.95 -13.68 -7.70
N GLN B 139 0.41 -12.68 -8.40
CA GLN B 139 -0.45 -12.98 -9.54
C GLN B 139 0.34 -13.70 -10.62
N SER B 140 1.57 -13.26 -10.86
CA SER B 140 2.42 -13.91 -11.85
C SER B 140 2.65 -15.36 -11.48
N ALA B 141 3.11 -15.61 -10.25
CA ALA B 141 3.50 -16.96 -9.84
C ALA B 141 2.34 -17.93 -9.92
N LEU B 142 1.12 -17.44 -9.69
CA LEU B 142 -0.07 -18.25 -9.88
C LEU B 142 -0.49 -18.36 -11.35
N GLY B 143 0.08 -17.54 -12.23
CA GLY B 143 -0.35 -17.54 -13.61
C GLY B 143 -1.67 -16.83 -13.85
N ILE B 144 -2.08 -15.92 -12.96
CA ILE B 144 -3.35 -15.21 -13.11
C ILE B 144 -3.17 -14.05 -14.09
N GLN B 145 -4.22 -13.80 -14.90
CA GLN B 145 -4.27 -12.67 -15.81
C GLN B 145 -5.20 -11.61 -15.25
N GLY B 146 -4.88 -10.36 -15.55
CA GLY B 146 -5.72 -9.28 -15.08
C GLY B 146 -4.88 -8.18 -14.50
N TYR B 147 -5.19 -7.75 -13.29
CA TYR B 147 -4.40 -6.73 -12.59
C TYR B 147 -4.33 -7.07 -11.11
N ALA B 148 -3.33 -6.49 -10.45
CA ALA B 148 -3.05 -6.74 -9.04
C ALA B 148 -2.58 -5.45 -8.40
N TYR B 149 -2.75 -5.33 -7.09
CA TYR B 149 -2.19 -4.18 -6.38
C TYR B 149 -2.04 -4.45 -4.88
N ASP B 150 -1.19 -3.64 -4.26
CA ASP B 150 -0.88 -3.67 -2.83
C ASP B 150 -1.73 -2.63 -2.11
N MET B 151 -2.29 -3.00 -0.96
CA MET B 151 -3.10 -2.07 -0.18
C MET B 151 -2.85 -2.28 1.30
N ASN B 152 -2.71 -1.16 2.04
CA ASN B 152 -2.33 -1.23 3.45
C ASN B 152 -3.31 -0.44 4.32
N VAL B 153 -4.05 -1.16 5.17
CA VAL B 153 -4.76 -0.57 6.31
C VAL B 153 -4.45 -1.37 7.57
N ALA B 154 -3.26 -1.93 7.66
CA ALA B 154 -2.84 -2.65 8.86
C ALA B 154 -3.87 -3.69 9.31
N CYS B 155 -4.32 -3.58 10.57
CA CYS B 155 -5.14 -4.60 11.21
C CYS B 155 -6.43 -4.88 10.46
N SER B 156 -6.97 -3.89 9.74
CA SER B 156 -8.24 -4.04 9.05
C SER B 156 -8.06 -4.34 7.58
N ALA B 157 -6.85 -4.66 7.15
CA ALA B 157 -6.62 -4.78 5.72
C ALA B 157 -7.53 -5.82 5.08
N ALA B 158 -7.83 -6.92 5.82
CA ALA B 158 -8.62 -8.01 5.24
C ALA B 158 -10.05 -7.57 4.94
N THR B 159 -10.71 -6.89 5.88
CA THR B 159 -12.08 -6.45 5.63
C THR B 159 -12.14 -5.32 4.61
N PHE B 160 -11.20 -4.37 4.68
CA PHE B 160 -11.09 -3.37 3.61
C PHE B 160 -10.84 -4.05 2.27
N GLY B 161 -9.93 -5.01 2.26
CA GLY B 161 -9.70 -5.77 1.04
C GLY B 161 -10.95 -6.48 0.54
N LEU B 162 -11.73 -7.07 1.46
CA LEU B 162 -12.96 -7.74 1.04
C LEU B 162 -13.92 -6.74 0.39
N LYS B 163 -13.98 -5.52 0.94
CA LYS B 163 -14.83 -4.48 0.37
C LYS B 163 -14.39 -4.13 -1.05
N GLN B 164 -13.10 -3.90 -1.24
CA GLN B 164 -12.60 -3.63 -2.57
C GLN B 164 -12.80 -4.81 -3.51
N ALA B 165 -12.70 -6.04 -2.99
CA ALA B 165 -13.06 -7.21 -3.79
C ALA B 165 -14.50 -7.14 -4.28
N ALA B 166 -15.44 -6.84 -3.37
CA ALA B 166 -16.84 -6.73 -3.78
C ALA B 166 -17.03 -5.60 -4.80
N ASP B 167 -16.46 -4.42 -4.51
CA ASP B 167 -16.52 -3.29 -5.43
C ASP B 167 -16.06 -3.69 -6.82
N ALA B 168 -14.89 -4.35 -6.89
CA ALA B 168 -14.36 -4.79 -8.18
C ALA B 168 -15.29 -5.78 -8.88
N ILE B 169 -15.93 -6.66 -8.11
CA ILE B 169 -16.89 -7.61 -8.70
C ILE B 169 -18.15 -6.87 -9.14
N ARG B 170 -18.67 -5.99 -8.29
CA ARG B 170 -19.83 -5.17 -8.66
C ARG B 170 -19.62 -4.45 -10.00
N SER B 171 -18.38 -4.13 -10.34
CA SER B 171 -18.10 -3.36 -11.54
C SER B 171 -17.61 -4.20 -12.70
N GLY B 172 -17.63 -5.53 -12.57
CA GLY B 172 -17.33 -6.38 -13.71
C GLY B 172 -16.42 -7.57 -13.47
N ALA B 173 -15.70 -7.60 -12.35
CA ALA B 173 -14.84 -8.74 -12.08
C ALA B 173 -15.67 -9.98 -11.80
N ARG B 174 -15.21 -11.12 -12.32
CA ARG B 174 -15.83 -12.39 -11.96
C ARG B 174 -15.41 -12.82 -10.56
N ARG B 175 -14.10 -12.78 -10.28
CA ARG B 175 -13.54 -13.38 -9.07
C ARG B 175 -12.29 -12.63 -8.64
N VAL B 176 -12.13 -12.44 -7.33
CA VAL B 176 -10.99 -11.77 -6.73
C VAL B 176 -10.29 -12.75 -5.79
N LEU B 177 -8.97 -12.83 -5.91
CA LEU B 177 -8.14 -13.47 -4.90
C LEU B 177 -7.58 -12.39 -3.98
N LEU B 178 -7.91 -12.47 -2.70
CA LEU B 178 -7.47 -11.54 -1.68
C LEU B 178 -6.50 -12.24 -0.74
N VAL B 179 -5.30 -11.69 -0.61
CA VAL B 179 -4.21 -12.33 0.13
C VAL B 179 -3.76 -11.40 1.24
N ASN B 180 -3.59 -11.95 2.44
CA ASN B 180 -3.00 -11.25 3.57
C ASN B 180 -1.77 -12.01 4.01
N VAL B 181 -0.61 -11.38 3.95
CA VAL B 181 0.64 -12.00 4.41
C VAL B 181 1.22 -11.12 5.51
N GLU B 182 1.40 -11.70 6.69
CA GLU B 182 1.80 -10.94 7.87
C GLU B 182 3.03 -11.58 8.50
N ILE B 183 4.20 -11.07 8.15
CA ILE B 183 5.44 -11.39 8.84
C ILE B 183 5.65 -10.34 9.92
N THR B 184 4.79 -10.37 10.94
CA THR B 184 4.87 -9.36 12.00
C THR B 184 6.18 -9.47 12.76
N SER B 185 6.85 -10.62 12.72
CA SER B 185 8.12 -10.73 13.45
C SER B 185 9.16 -9.80 12.89
N GLY B 186 8.96 -9.31 11.67
CA GLY B 186 9.90 -8.42 11.03
C GLY B 186 9.80 -6.97 11.45
N HIS B 187 8.74 -6.58 12.15
CA HIS B 187 8.64 -5.21 12.65
C HIS B 187 8.21 -5.13 14.13
N LEU B 188 8.17 -6.27 14.83
CA LEU B 188 7.89 -6.26 16.25
C LEU B 188 9.13 -5.92 17.08
N ASP B 189 8.90 -5.29 18.23
CA ASP B 189 9.97 -4.95 19.17
C ASP B 189 10.01 -6.03 20.24
N TYR B 190 10.97 -6.93 20.12
CA TYR B 190 11.08 -8.01 21.10
C TYR B 190 11.74 -7.56 22.39
N ARG B 191 12.28 -6.33 22.46
CA ARG B 191 12.80 -5.83 23.73
C ARG B 191 11.72 -5.39 24.71
N ASN B 192 10.47 -5.20 24.26
CA ASN B 192 9.45 -4.48 25.01
C ASN B 192 8.44 -5.48 25.56
N ARG B 193 8.37 -5.60 26.89
CA ARG B 193 7.55 -6.60 27.55
C ARG B 193 6.05 -6.37 27.32
N ASP B 194 5.63 -5.16 26.98
CA ASP B 194 4.20 -4.95 26.79
C ASP B 194 3.74 -5.23 25.36
N CYS B 195 4.66 -5.46 24.41
CA CYS B 195 4.26 -5.81 23.06
C CYS B 195 4.94 -7.05 22.49
N HIS B 196 6.03 -7.54 23.08
CA HIS B 196 6.83 -8.56 22.41
C HIS B 196 6.06 -9.86 22.18
N PHE B 197 4.98 -10.10 22.95
CA PHE B 197 4.16 -11.30 22.86
C PHE B 197 2.98 -11.17 21.91
N ILE B 198 2.69 -9.98 21.40
CA ILE B 198 1.38 -9.74 20.79
C ILE B 198 1.22 -10.49 19.48
N PHE B 199 2.24 -10.49 18.64
CA PHE B 199 2.04 -10.79 17.24
C PHE B 199 2.63 -12.16 16.85
N GLY B 200 2.02 -12.77 15.82
CA GLY B 200 2.60 -13.93 15.17
C GLY B 200 2.62 -13.76 13.66
N ASP B 201 3.21 -14.76 12.99
CA ASP B 201 3.34 -14.77 11.53
C ASP B 201 2.33 -15.73 10.89
N VAL B 202 1.75 -15.34 9.77
CA VAL B 202 0.79 -16.18 9.03
C VAL B 202 0.61 -15.61 7.63
N ALA B 203 0.02 -16.40 6.74
CA ALA B 203 -0.54 -15.89 5.50
C ALA B 203 -1.90 -16.54 5.30
N THR B 204 -2.88 -15.73 4.89
CA THR B 204 -4.23 -16.18 4.62
C THR B 204 -4.62 -15.71 3.23
N ALA B 205 -5.66 -16.36 2.69
CA ALA B 205 -6.16 -15.96 1.38
C ALA B 205 -7.65 -16.25 1.31
N SER B 206 -8.30 -15.60 0.36
CA SER B 206 -9.74 -15.73 0.16
C SER B 206 -10.08 -15.53 -1.32
N ILE B 207 -11.10 -16.24 -1.76
CA ILE B 207 -11.70 -16.10 -3.09
C ILE B 207 -13.08 -15.47 -2.93
N ILE B 208 -13.33 -14.40 -3.67
CA ILE B 208 -14.62 -13.73 -3.67
C ILE B 208 -15.18 -13.80 -5.08
N GLU B 209 -16.45 -14.15 -5.21
CA GLU B 209 -17.06 -14.47 -6.50
C GLU B 209 -18.46 -13.90 -6.59
N GLU B 210 -18.82 -13.43 -7.78
CA GLU B 210 -20.22 -13.25 -8.13
C GLU B 210 -20.78 -14.62 -8.45
N THR B 211 -21.74 -15.07 -7.64
CA THR B 211 -22.25 -16.42 -7.77
C THR B 211 -23.53 -16.49 -6.97
N THR B 212 -24.47 -17.30 -7.47
CA THR B 212 -25.63 -17.68 -6.69
C THR B 212 -25.70 -19.19 -6.53
N THR B 213 -24.62 -19.90 -6.87
CA THR B 213 -24.63 -21.35 -6.95
C THR B 213 -23.49 -22.03 -6.21
N LYS B 214 -22.54 -21.28 -5.65
CA LYS B 214 -21.42 -21.85 -4.93
C LYS B 214 -21.67 -21.73 -3.44
N THR B 215 -21.31 -22.78 -2.70
CA THR B 215 -21.29 -22.67 -1.25
C THR B 215 -20.34 -21.56 -0.83
N GLY B 216 -20.77 -20.77 0.15
CA GLY B 216 -19.92 -19.73 0.69
C GLY B 216 -20.71 -18.71 1.50
N PHE B 217 -20.02 -17.62 1.84
CA PHE B 217 -20.59 -16.54 2.65
C PHE B 217 -20.89 -15.35 1.73
N GLU B 218 -22.18 -15.08 1.56
CA GLU B 218 -22.66 -13.94 0.80
C GLU B 218 -22.49 -12.67 1.61
N ILE B 219 -21.91 -11.64 0.98
CA ILE B 219 -21.66 -10.33 1.60
C ILE B 219 -22.93 -9.52 1.55
N LEU B 220 -23.45 -9.16 2.72
CA LEU B 220 -24.72 -8.45 2.76
C LEU B 220 -24.59 -6.98 3.08
N ASP B 221 -23.56 -6.58 3.82
CA ASP B 221 -23.34 -5.18 4.12
C ASP B 221 -21.93 -5.00 4.66
N ILE B 222 -21.31 -3.89 4.29
CA ILE B 222 -19.96 -3.56 4.71
C ILE B 222 -19.95 -2.14 5.25
N HIS B 223 -19.35 -1.96 6.41
CA HIS B 223 -19.14 -0.63 6.99
C HIS B 223 -17.67 -0.53 7.35
N LEU B 224 -16.96 0.41 6.72
CA LEU B 224 -15.55 0.68 6.98
C LEU B 224 -15.39 2.05 7.64
N PHE B 225 -14.37 2.17 8.48
CA PHE B 225 -14.22 3.37 9.27
C PHE B 225 -12.75 3.55 9.58
N THR B 226 -12.28 4.79 9.43
CA THR B 226 -10.94 5.14 9.86
C THR B 226 -11.01 6.48 10.57
N GLN B 227 -10.09 6.68 11.51
CA GLN B 227 -9.93 7.98 12.16
C GLN B 227 -8.56 8.00 12.82
N PHE B 228 -7.75 8.98 12.43
CA PHE B 228 -6.33 8.95 12.71
C PHE B 228 -6.03 8.85 14.20
N SER B 229 -5.10 7.97 14.54
CA SER B 229 -4.60 7.89 15.90
C SER B 229 -3.13 7.50 15.86
N ASN B 230 -2.33 8.13 16.72
CA ASN B 230 -0.94 7.75 16.93
C ASN B 230 -0.78 6.67 18.00
N ASN B 231 -1.87 6.06 18.48
CA ASN B 231 -1.75 5.09 19.56
C ASN B 231 -1.15 3.78 19.08
N ILE B 232 -1.07 3.55 17.76
CA ILE B 232 -0.30 2.45 17.20
C ILE B 232 0.47 3.01 16.01
N ARG B 233 1.80 2.90 16.03
CA ARG B 233 2.60 3.53 14.98
C ARG B 233 3.97 2.87 14.87
N ASN B 234 4.50 2.89 13.64
CA ASN B 234 5.84 2.40 13.29
C ASN B 234 6.41 3.40 12.30
N ASN B 235 7.50 4.07 12.66
CA ASN B 235 8.02 5.15 11.82
C ASN B 235 9.10 4.71 10.83
N PHE B 236 9.31 3.41 10.67
CA PHE B 236 10.22 2.91 9.65
C PHE B 236 9.73 3.28 8.25
N GLY B 237 10.64 3.73 7.41
CA GLY B 237 10.23 4.06 6.06
C GLY B 237 11.40 4.50 5.21
N PHE B 238 11.08 4.70 3.92
CA PHE B 238 12.12 4.97 2.94
C PHE B 238 12.79 6.32 3.15
N LEU B 239 12.18 7.24 3.86
CA LEU B 239 12.83 8.53 4.10
C LEU B 239 13.72 8.50 5.34
N ASN B 240 13.77 7.38 6.07
CA ASN B 240 14.61 7.28 7.25
C ASN B 240 16.05 7.67 6.93
N ARG B 241 16.57 7.17 5.80
CA ARG B 241 17.96 7.47 5.44
C ARG B 241 18.17 8.96 5.26
N SER B 242 17.25 9.62 4.56
CA SER B 242 17.32 11.06 4.32
C SER B 242 17.14 11.86 5.60
N GLU B 243 16.37 11.34 6.55
CA GLU B 243 16.27 12.04 7.83
C GLU B 243 17.52 11.84 8.69
N ASP B 244 18.44 10.97 8.28
CA ASP B 244 19.49 10.47 9.17
C ASP B 244 18.89 10.12 10.53
N ALA B 245 17.82 9.31 10.48
CA ALA B 245 16.96 9.12 11.63
C ALA B 245 17.71 8.52 12.81
N VAL B 246 17.33 8.90 14.02
CA VAL B 246 17.92 8.32 15.23
C VAL B 246 16.91 7.87 16.25
N VAL B 247 15.67 8.37 16.26
CA VAL B 247 14.74 7.98 17.31
C VAL B 247 14.50 6.47 17.27
N ASP B 248 14.36 5.87 18.45
CA ASP B 248 14.17 4.42 18.55
C ASP B 248 12.68 4.09 18.44
N ASP B 249 12.15 4.26 17.21
CA ASP B 249 10.71 4.11 16.97
C ASP B 249 10.41 3.47 15.63
N LYS B 250 11.38 2.81 15.01
CA LYS B 250 11.26 2.15 13.71
C LYS B 250 10.66 0.73 13.81
N LEU B 251 9.95 0.45 14.88
CA LEU B 251 9.31 -0.82 15.11
C LEU B 251 7.90 -0.54 15.61
N PHE B 252 7.12 -1.61 15.73
CA PHE B 252 5.79 -1.50 16.33
C PHE B 252 5.86 -0.81 17.68
N ARG B 253 4.94 0.12 17.91
CA ARG B 253 4.85 0.83 19.17
C ARG B 253 3.37 1.11 19.43
N GLN B 254 2.97 1.04 20.70
CA GLN B 254 1.57 1.09 21.01
C GLN B 254 1.41 1.76 22.37
N ASP B 255 0.26 2.42 22.57
CA ASP B 255 -0.26 2.71 23.90
C ASP B 255 -1.44 1.76 24.13
N GLY B 256 -1.11 0.55 24.61
CA GLY B 256 -2.10 -0.52 24.68
C GLY B 256 -3.37 -0.15 25.43
N ARG B 257 -3.24 0.62 26.51
CA ARG B 257 -4.42 1.00 27.27
C ARG B 257 -5.35 1.89 26.45
N LYS B 258 -4.79 2.91 25.79
CA LYS B 258 -5.63 3.81 25.02
C LYS B 258 -6.32 3.10 23.85
N VAL B 259 -5.65 2.12 23.21
CA VAL B 259 -6.30 1.43 22.10
C VAL B 259 -7.50 0.62 22.62
N PHE B 260 -7.31 -0.07 23.76
CA PHE B 260 -8.40 -0.83 24.37
C PHE B 260 -9.62 0.05 24.62
N LYS B 261 -9.42 1.18 25.29
CA LYS B 261 -10.56 2.06 25.60
C LYS B 261 -11.19 2.65 24.34
N ASP B 262 -10.38 3.13 23.40
CA ASP B 262 -10.91 3.73 22.17
C ASP B 262 -11.66 2.70 21.33
N VAL B 263 -11.10 1.52 21.14
CA VAL B 263 -11.54 0.64 20.07
C VAL B 263 -12.78 -0.17 20.47
N CYS B 264 -12.79 -0.72 21.68
CA CYS B 264 -13.89 -1.57 22.15
C CYS B 264 -15.28 -0.98 21.93
N PRO B 265 -15.57 0.22 22.44
CA PRO B 265 -16.91 0.77 22.19
C PRO B 265 -17.11 1.14 20.74
N LEU B 266 -16.06 1.62 20.08
CA LEU B 266 -16.18 1.99 18.68
C LEU B 266 -16.65 0.81 17.85
N VAL B 267 -16.05 -0.36 18.06
CA VAL B 267 -16.43 -1.56 17.30
C VAL B 267 -17.86 -1.98 17.62
N ALA B 268 -18.18 -2.10 18.90
CA ALA B 268 -19.54 -2.47 19.28
C ALA B 268 -20.56 -1.49 18.69
N LYS B 269 -20.21 -0.21 18.64
CA LYS B 269 -21.12 0.77 18.05
C LYS B 269 -21.30 0.51 16.55
N ILE B 270 -20.21 0.23 15.84
CA ILE B 270 -20.31 -0.07 14.41
C ILE B 270 -21.15 -1.32 14.19
N ILE B 271 -20.84 -2.38 14.93
CA ILE B 271 -21.58 -3.63 14.80
C ILE B 271 -23.06 -3.41 15.09
N ASN B 272 -23.36 -2.84 16.26
CA ASN B 272 -24.75 -2.60 16.64
C ASN B 272 -25.49 -1.83 15.57
N ALA B 273 -24.89 -0.74 15.09
CA ALA B 273 -25.52 0.07 14.05
C ALA B 273 -25.74 -0.76 12.79
N GLN B 274 -24.74 -1.55 12.41
CA GLN B 274 -24.88 -2.41 11.24
C GLN B 274 -25.98 -3.43 11.43
N LEU B 275 -26.04 -4.05 12.61
CA LEU B 275 -27.11 -5.01 12.90
C LEU B 275 -28.48 -4.36 12.74
N GLU B 276 -28.68 -3.18 13.33
CA GLU B 276 -29.99 -2.53 13.23
C GLU B 276 -30.29 -2.12 11.79
N LYS B 277 -29.27 -1.72 11.02
CA LYS B 277 -29.52 -1.37 9.62
C LYS B 277 -30.09 -2.56 8.84
N MET B 278 -29.62 -3.77 9.13
CA MET B 278 -29.91 -4.95 8.34
C MET B 278 -31.10 -5.76 8.89
N GLN B 279 -31.92 -5.16 9.74
CA GLN B 279 -33.09 -5.84 10.31
C GLN B 279 -32.69 -7.10 11.07
N LEU B 280 -31.57 -7.04 11.79
CA LEU B 280 -31.08 -8.20 12.51
C LEU B 280 -30.90 -7.86 13.98
N THR B 281 -30.98 -8.89 14.81
CA THR B 281 -30.61 -8.83 16.21
C THR B 281 -29.30 -9.59 16.41
N ALA B 282 -28.63 -9.30 17.53
CA ALA B 282 -27.42 -10.06 17.87
C ALA B 282 -27.71 -11.55 18.00
N ASN B 283 -28.93 -11.93 18.43
CA ASN B 283 -29.29 -13.35 18.49
C ASN B 283 -29.38 -13.96 17.09
N ASP B 284 -29.60 -13.15 16.04
CA ASP B 284 -29.56 -13.70 14.69
C ASP B 284 -28.15 -14.10 14.24
N ILE B 285 -27.11 -13.63 14.93
CA ILE B 285 -25.75 -13.83 14.46
C ILE B 285 -25.24 -15.16 15.03
N LYS B 286 -25.05 -16.13 14.14
CA LYS B 286 -24.50 -17.43 14.53
C LYS B 286 -23.07 -17.29 15.06
N ARG B 287 -22.20 -16.60 14.30
CA ARG B 287 -20.79 -16.49 14.66
C ARG B 287 -20.30 -15.07 14.44
N PHE B 288 -19.52 -14.58 15.39
CA PHE B 288 -18.81 -13.33 15.24
C PHE B 288 -17.34 -13.68 15.04
N TRP B 289 -16.82 -13.44 13.85
CA TRP B 289 -15.38 -13.58 13.62
C TRP B 289 -14.78 -12.19 13.79
N LEU B 290 -14.13 -11.97 14.93
CA LEU B 290 -13.57 -10.69 15.31
C LEU B 290 -12.06 -10.72 15.17
N HIS B 291 -11.46 -9.53 15.12
CA HIS B 291 -10.01 -9.38 15.14
C HIS B 291 -9.43 -10.23 16.25
N GLN B 292 -8.24 -10.79 16.01
CA GLN B 292 -7.68 -11.78 16.91
C GLN B 292 -6.44 -11.23 17.58
N ALA B 293 -6.63 -10.21 18.41
CA ALA B 293 -5.55 -9.56 19.14
C ALA B 293 -5.60 -9.81 20.64
N ASN B 294 -6.76 -9.60 21.26
CA ASN B 294 -6.90 -9.65 22.72
C ASN B 294 -8.20 -10.37 23.05
N ALA B 295 -8.08 -11.54 23.69
CA ALA B 295 -9.28 -12.30 24.02
C ALA B 295 -10.21 -11.52 24.94
N ASN B 296 -9.66 -10.73 25.86
CA ASN B 296 -10.50 -9.92 26.72
C ASN B 296 -11.21 -8.82 25.93
N MET B 297 -10.60 -8.33 24.86
CA MET B 297 -11.25 -7.31 24.06
C MET B 297 -12.43 -7.89 23.31
N ASN B 298 -12.26 -9.08 22.74
CA ASN B 298 -13.36 -9.74 22.03
C ASN B 298 -14.45 -10.19 23.00
N GLU B 299 -14.05 -10.68 24.17
CA GLU B 299 -15.00 -11.00 25.23
C GLU B 299 -15.91 -9.81 25.48
N LEU B 300 -15.31 -8.64 25.72
CA LEU B 300 -16.05 -7.43 26.07
C LEU B 300 -16.87 -6.91 24.90
N ILE B 301 -16.33 -6.97 23.67
CA ILE B 301 -17.12 -6.56 22.53
C ILE B 301 -18.35 -7.45 22.39
N LEU B 302 -18.18 -8.76 22.57
CA LEU B 302 -19.32 -9.64 22.40
C LEU B 302 -20.41 -9.34 23.43
N LYS B 303 -20.02 -9.07 24.67
CA LYS B 303 -21.03 -8.66 25.63
C LYS B 303 -21.56 -7.26 25.33
N TYR B 304 -20.74 -6.40 24.70
CA TYR B 304 -21.17 -5.07 24.33
C TYR B 304 -22.26 -5.06 23.26
N VAL B 305 -22.39 -6.13 22.45
CA VAL B 305 -23.36 -6.18 21.38
C VAL B 305 -24.41 -7.26 21.60
N ALA B 306 -24.00 -8.44 22.08
CA ALA B 306 -24.90 -9.51 22.43
C ALA B 306 -25.16 -9.49 23.94
N GLY B 307 -25.80 -10.53 24.46
CA GLY B 307 -26.11 -10.54 25.87
C GLY B 307 -24.87 -10.71 26.73
N LYS B 308 -25.00 -10.26 27.99
CA LYS B 308 -24.10 -10.78 29.03
C LYS B 308 -24.03 -12.28 28.94
N ASP B 309 -25.10 -12.91 28.46
CA ASP B 309 -25.27 -14.35 28.42
C ASP B 309 -24.78 -14.98 27.14
N ALA B 310 -24.27 -14.17 26.20
CA ALA B 310 -23.77 -14.71 24.94
C ALA B 310 -22.60 -15.64 25.21
N ASP B 311 -22.72 -16.90 24.81
CA ASP B 311 -21.65 -17.83 25.10
C ASP B 311 -20.50 -17.63 24.13
N LEU B 312 -19.27 -17.80 24.65
CA LEU B 312 -18.06 -17.54 23.89
C LEU B 312 -17.96 -18.39 22.62
N SER B 313 -18.84 -19.37 22.43
CA SER B 313 -18.83 -20.17 21.21
C SER B 313 -19.11 -19.33 19.99
N ARG B 314 -19.90 -18.25 20.15
CA ARG B 314 -20.29 -17.44 19.01
C ARG B 314 -19.10 -16.68 18.43
N ALA B 315 -18.06 -16.41 19.24
CA ALA B 315 -16.90 -15.62 18.85
C ALA B 315 -15.65 -16.49 18.93
N PRO B 316 -15.39 -17.29 17.88
CA PRO B 316 -14.24 -18.20 17.90
C PRO B 316 -12.94 -17.45 18.20
N ILE B 317 -12.02 -18.15 18.84
CA ILE B 317 -10.72 -17.59 19.18
C ILE B 317 -9.63 -18.47 18.58
N ILE B 318 -8.66 -17.86 17.92
CA ILE B 318 -7.54 -18.59 17.34
C ILE B 318 -6.23 -17.93 17.76
N LEU B 319 -6.32 -16.78 18.42
CA LEU B 319 -5.11 -16.08 18.85
C LEU B 319 -4.37 -16.85 19.92
N ASP B 320 -5.01 -17.81 20.59
CA ASP B 320 -4.30 -18.66 21.54
C ASP B 320 -3.17 -19.41 20.85
N GLU B 321 -3.37 -19.81 19.60
CA GLU B 321 -2.41 -20.58 18.81
C GLU B 321 -1.59 -19.71 17.86
N PHE B 322 -2.19 -18.65 17.30
CA PHE B 322 -1.52 -17.84 16.29
C PHE B 322 -0.97 -16.53 16.83
N ALA B 323 -1.28 -16.19 18.09
CA ALA B 323 -1.16 -14.81 18.56
C ALA B 323 -1.87 -13.86 17.60
N ASN B 324 -1.58 -12.56 17.72
CA ASN B 324 -2.20 -11.55 16.88
C ASN B 324 -1.52 -11.56 15.51
N THR B 325 -2.31 -11.84 14.49
CA THR B 325 -1.84 -12.02 13.14
C THR B 325 -2.23 -10.81 12.26
N SER B 326 -2.68 -9.74 12.90
CA SER B 326 -2.94 -8.44 12.25
C SER B 326 -4.06 -8.65 11.24
N SER B 327 -3.89 -8.24 9.97
CA SER B 327 -5.00 -8.25 9.03
C SER B 327 -5.57 -9.65 8.88
N ALA B 328 -4.70 -10.66 8.92
CA ALA B 328 -5.10 -12.02 8.64
C ALA B 328 -5.95 -12.64 9.74
N GLY B 329 -5.92 -12.08 10.95
CA GLY B 329 -6.50 -12.80 12.09
C GLY B 329 -7.93 -13.22 11.86
N VAL B 330 -8.74 -12.29 11.34
CA VAL B 330 -10.14 -12.58 11.14
C VAL B 330 -10.34 -13.63 10.04
N ILE B 331 -9.41 -13.71 9.09
CA ILE B 331 -9.53 -14.74 8.06
C ILE B 331 -9.14 -16.11 8.62
N ILE B 332 -8.19 -16.18 9.56
CA ILE B 332 -7.93 -17.45 10.25
C ILE B 332 -9.18 -17.93 10.96
N ALA B 333 -9.85 -17.02 11.69
CA ALA B 333 -11.02 -17.45 12.45
C ALA B 333 -12.13 -17.93 11.52
N LEU B 334 -12.39 -17.19 10.43
CA LEU B 334 -13.36 -17.64 9.44
C LEU B 334 -12.96 -18.97 8.81
N HIS B 335 -11.67 -19.12 8.47
CA HIS B 335 -11.20 -20.36 7.89
C HIS B 335 -11.42 -21.52 8.84
N ARG B 336 -11.11 -21.34 10.14
CA ARG B 336 -11.15 -22.44 11.08
C ARG B 336 -12.57 -22.83 11.49
N THR B 337 -13.54 -21.92 11.40
CA THR B 337 -14.86 -22.19 11.96
C THR B 337 -16.01 -21.76 11.07
N GLY B 338 -15.77 -21.47 9.79
CA GLY B 338 -16.89 -21.20 8.88
C GLY B 338 -17.85 -22.37 8.78
N HIS B 339 -17.34 -23.60 8.93
CA HIS B 339 -18.17 -24.79 8.83
C HIS B 339 -19.21 -24.85 9.95
N GLU B 340 -18.93 -24.21 11.09
CA GLU B 340 -19.86 -24.18 12.21
C GLU B 340 -21.13 -23.39 11.90
N VAL B 341 -21.24 -22.78 10.73
CA VAL B 341 -22.42 -22.01 10.36
C VAL B 341 -23.16 -22.79 9.28
N ASP B 342 -24.45 -22.98 9.48
CA ASP B 342 -25.24 -23.76 8.55
C ASP B 342 -25.97 -22.84 7.57
N ASP B 343 -26.45 -23.44 6.48
CA ASP B 343 -27.12 -22.72 5.40
C ASP B 343 -28.18 -21.77 5.93
N GLY B 344 -28.15 -20.53 5.44
CA GLY B 344 -29.10 -19.54 5.85
C GLY B 344 -28.78 -18.80 7.13
N GLU B 345 -27.77 -19.22 7.88
CA GLU B 345 -27.42 -18.52 9.10
C GLU B 345 -26.48 -17.36 8.82
N TYR B 346 -26.51 -16.36 9.70
CA TYR B 346 -25.77 -15.12 9.52
C TYR B 346 -24.49 -15.12 10.35
N GLY B 347 -23.53 -14.31 9.88
CA GLY B 347 -22.28 -14.11 10.59
C GLY B 347 -21.83 -12.67 10.44
N VAL B 348 -20.82 -12.31 11.25
CA VAL B 348 -20.25 -10.97 11.25
C VAL B 348 -18.73 -11.10 11.25
N ILE B 349 -18.10 -10.49 10.24
CA ILE B 349 -16.64 -10.43 10.14
C ILE B 349 -16.23 -9.01 10.46
N SER B 350 -15.40 -8.86 11.49
CA SER B 350 -15.02 -7.52 11.91
C SER B 350 -13.57 -7.50 12.39
N SER B 351 -12.75 -6.72 11.70
CA SER B 351 -11.39 -6.45 12.14
C SER B 351 -11.31 -4.99 12.58
N PHE B 352 -10.25 -4.69 13.31
CA PHE B 352 -10.09 -3.38 13.93
C PHE B 352 -8.67 -3.27 14.48
N GLY B 353 -8.15 -2.05 14.49
CA GLY B 353 -6.81 -1.83 15.00
C GLY B 353 -6.15 -0.54 14.54
N ALA B 354 -4.88 -0.66 14.16
CA ALA B 354 -4.03 0.51 13.89
C ALA B 354 -4.63 1.40 12.80
N GLY B 355 -4.12 2.63 12.76
CA GLY B 355 -4.74 3.73 12.06
C GLY B 355 -5.81 4.41 12.88
N TYR B 356 -6.32 3.70 13.88
CA TYR B 356 -7.73 3.32 14.08
C TYR B 356 -8.37 3.07 12.73
N SER B 357 -8.54 1.78 12.46
CA SER B 357 -9.41 1.34 11.39
C SER B 357 -10.38 0.32 11.95
N VAL B 358 -11.61 0.35 11.46
CA VAL B 358 -12.58 -0.70 11.73
C VAL B 358 -13.24 -1.06 10.40
N GLY B 359 -13.30 -2.35 10.11
CA GLY B 359 -14.11 -2.84 9.01
C GLY B 359 -15.01 -3.93 9.54
N SER B 360 -16.28 -3.89 9.14
CA SER B 360 -17.26 -4.85 9.64
C SER B 360 -18.19 -5.29 8.53
N ILE B 361 -18.36 -6.61 8.39
CA ILE B 361 -19.11 -7.20 7.29
C ILE B 361 -20.15 -8.16 7.84
N VAL B 362 -21.41 -7.96 7.44
CA VAL B 362 -22.47 -8.94 7.70
C VAL B 362 -22.50 -9.92 6.54
N VAL B 363 -22.49 -11.21 6.86
CA VAL B 363 -22.58 -12.26 5.86
C VAL B 363 -23.71 -13.20 6.26
N GLN B 364 -24.12 -14.03 5.29
CA GLN B 364 -25.09 -15.10 5.49
C GLN B 364 -24.60 -16.30 4.70
N LYS B 365 -24.54 -17.46 5.35
CA LYS B 365 -23.97 -18.66 4.74
C LYS B 365 -24.96 -19.28 3.76
N HIS B 366 -24.40 -19.87 2.70
CA HIS B 366 -25.17 -20.55 1.65
C HIS B 366 -24.48 -21.87 1.28
N VAL B 367 -25.28 -22.93 1.18
CA VAL B 367 -24.85 -24.23 0.64
C VAL B 367 -25.33 -24.39 -0.80
#